data_2QGY
#
_entry.id   2QGY
#
_cell.length_a   88.636
_cell.length_b   139.168
_cell.length_c   121.153
_cell.angle_alpha   90.000
_cell.angle_beta   90.000
_cell.angle_gamma   90.000
#
_symmetry.space_group_name_H-M   'C 2 2 21'
#
loop_
_entity.id
_entity.type
_entity.pdbx_description
1 polymer 'Enolase from the environmental genome shotgun sequencing of the Sargasso Sea'
2 non-polymer 'MAGNESIUM ION'
3 water water
#
_entity_poly.entity_id   1
_entity_poly.type   'polypeptide(L)'
_entity_poly.pdbx_seq_one_letter_code
;MSLNNQDISIGKLSRLKIWITDNHLSDDQWSNTKKFIIIKITTEDGIEGWGEAFSINFREKGIAIIIKELFREISNIPNL
SIKSFYNKISLLSDGHRGLDFSSATSAIEIALWDISGKLKNLPLNSLLTKSPKPNVPIYATCWSDLKKDTNDYLRQIEKF
YGKKYGGIKIYPMLDSLSISIQFVEKVREIVGDELPLMLDLAVPEDLDQTKSFLKEVSSFNPYWIEEPVDGENISLLTEI
KNTFNMKVVTGEKQSGLVHFRELISRNAADIFNPDISGMGGLIDIIEISNEASNNGIFISPHCWNSMSVSASAMLHVCSS
IPNSEKAEIFPDYINFSKKFCELPFDIIDNKAHINKSAGLGIVIHEDILSELSIYSLDEKSNDEGHHHHHH
;
_entity_poly.pdbx_strand_id   A,B
#
# COMPACT_ATOMS: atom_id res chain seq x y z
N ASN A 5 -14.19 -3.64 -24.83
CA ASN A 5 -15.32 -3.17 -23.98
C ASN A 5 -14.87 -2.19 -22.90
N GLN A 6 -13.55 -2.10 -22.68
CA GLN A 6 -13.06 -1.11 -21.75
C GLN A 6 -13.09 0.31 -22.36
N ASP A 7 -13.39 0.37 -23.66
CA ASP A 7 -13.54 1.63 -24.39
C ASP A 7 -14.95 2.17 -24.41
N ILE A 8 -15.89 1.44 -23.79
CA ILE A 8 -17.29 1.88 -23.75
C ILE A 8 -17.36 3.30 -23.17
N SER A 9 -17.99 4.24 -23.89
CA SER A 9 -18.06 5.59 -23.42
C SER A 9 -19.11 5.72 -22.31
N ILE A 10 -18.66 6.23 -21.16
CA ILE A 10 -19.49 6.39 -19.98
C ILE A 10 -19.95 7.84 -19.86
N GLY A 11 -19.07 8.78 -20.22
CA GLY A 11 -19.37 10.20 -20.12
C GLY A 11 -18.97 10.80 -18.78
N LYS A 12 -19.52 11.98 -18.46
CA LYS A 12 -19.24 12.65 -17.19
C LYS A 12 -19.99 11.97 -16.04
N LEU A 13 -19.43 12.02 -14.84
CA LEU A 13 -20.08 11.46 -13.66
C LEU A 13 -20.76 12.57 -12.93
N SER A 14 -21.93 12.29 -12.37
CA SER A 14 -22.65 13.35 -11.68
C SER A 14 -22.72 13.19 -10.16
N ARG A 15 -22.76 11.94 -9.68
CA ARG A 15 -23.02 11.73 -8.27
C ARG A 15 -22.23 10.56 -7.70
N LEU A 16 -21.81 10.72 -6.43
CA LEU A 16 -21.20 9.63 -5.66
C LEU A 16 -21.93 9.48 -4.36
N LYS A 17 -22.24 8.22 -4.01
CA LYS A 17 -22.63 7.87 -2.66
C LYS A 17 -21.72 6.75 -2.14
N ILE A 18 -21.36 6.88 -0.88
CA ILE A 18 -20.54 5.86 -0.19
C ILE A 18 -21.24 5.53 1.12
N TRP A 19 -21.34 4.24 1.43
CA TRP A 19 -21.77 3.80 2.76
C TRP A 19 -20.64 3.01 3.36
N ILE A 20 -20.36 3.23 4.65
CA ILE A 20 -19.53 2.29 5.40
C ILE A 20 -20.41 1.63 6.44
N THR A 21 -20.60 0.33 6.32
CA THR A 21 -21.50 -0.36 7.24
C THR A 21 -20.89 -0.46 8.65
N ASP A 22 -21.73 -0.45 9.68
CA ASP A 22 -21.24 -0.71 11.03
C ASP A 22 -20.95 -2.19 11.13
N ASN A 23 -20.21 -2.61 12.16
CA ASN A 23 -20.13 -4.01 12.47
C ASN A 23 -21.50 -4.46 12.96
N HIS A 24 -21.88 -5.65 12.54
CA HIS A 24 -23.15 -6.26 12.93
C HIS A 24 -22.88 -7.71 13.29
N LEU A 25 -23.83 -8.40 13.91
CA LEU A 25 -23.63 -9.84 14.15
C LEU A 25 -23.92 -10.55 12.84
N SER A 26 -23.07 -11.50 12.48
CA SER A 26 -23.27 -12.25 11.24
C SER A 26 -24.32 -13.32 11.45
N ASP A 27 -24.61 -14.11 10.42
CA ASP A 27 -25.67 -15.14 10.53
C ASP A 27 -25.42 -16.10 11.72
N ASP A 28 -26.48 -16.41 12.50
CA ASP A 28 -26.36 -17.30 13.67
C ASP A 28 -25.37 -16.78 14.71
N GLN A 29 -25.13 -15.45 14.70
CA GLN A 29 -24.25 -14.81 15.66
C GLN A 29 -22.85 -15.46 15.65
N TRP A 30 -22.44 -15.93 14.47
CA TRP A 30 -21.18 -16.67 14.34
C TRP A 30 -19.95 -15.76 14.52
N SER A 31 -20.05 -14.55 13.98
CA SER A 31 -18.98 -13.55 14.01
C SER A 31 -19.55 -12.12 14.02
N ASN A 32 -18.68 -11.11 14.16
CA ASN A 32 -19.07 -9.74 13.79
C ASN A 32 -18.74 -9.63 12.31
N THR A 33 -19.61 -9.02 11.53
CA THR A 33 -19.27 -8.65 10.17
C THR A 33 -18.25 -7.52 10.24
N LYS A 34 -17.33 -7.48 9.28
CA LYS A 34 -16.42 -6.33 9.20
C LYS A 34 -17.23 -5.16 8.66
N LYS A 35 -16.70 -3.95 8.79
CA LYS A 35 -17.31 -2.78 8.13
C LYS A 35 -17.08 -2.93 6.61
N PHE A 36 -18.13 -2.76 5.81
CA PHE A 36 -17.99 -2.80 4.34
C PHE A 36 -18.04 -1.37 3.80
N ILE A 37 -17.44 -1.16 2.64
CA ILE A 37 -17.42 0.13 1.96
C ILE A 37 -18.04 -0.13 0.60
N ILE A 38 -19.25 0.35 0.41
CA ILE A 38 -20.00 0.12 -0.81
C ILE A 38 -20.29 1.48 -1.43
N ILE A 39 -20.09 1.62 -2.74
CA ILE A 39 -20.31 2.90 -3.41
C ILE A 39 -21.33 2.79 -4.54
N LYS A 40 -21.98 3.92 -4.85
CA LYS A 40 -22.81 3.99 -6.03
C LYS A 40 -22.43 5.28 -6.75
N ILE A 41 -22.12 5.16 -8.03
CA ILE A 41 -21.77 6.29 -8.89
C ILE A 41 -22.92 6.41 -9.89
N THR A 42 -23.38 7.65 -10.12
CA THR A 42 -24.39 7.94 -11.15
C THR A 42 -23.76 8.80 -12.24
N THR A 43 -23.91 8.39 -13.48
CA THR A 43 -23.36 9.20 -14.57
C THR A 43 -24.33 10.34 -14.88
N GLU A 44 -23.86 11.26 -15.72
CA GLU A 44 -24.66 12.38 -16.20
C GLU A 44 -25.91 11.91 -16.97
N ASP A 45 -25.81 10.77 -17.64
CA ASP A 45 -26.94 10.18 -18.34
C ASP A 45 -27.87 9.33 -17.47
N GLY A 46 -27.57 9.25 -16.19
CA GLY A 46 -28.46 8.63 -15.21
C GLY A 46 -28.23 7.15 -14.99
N ILE A 47 -27.12 6.63 -15.49
CA ILE A 47 -26.78 5.22 -15.29
C ILE A 47 -26.08 5.08 -13.93
N GLU A 48 -26.51 4.08 -13.18
CA GLU A 48 -26.00 3.81 -11.83
C GLU A 48 -25.04 2.64 -11.87
N GLY A 49 -23.91 2.81 -11.20
CA GLY A 49 -22.97 1.69 -11.06
C GLY A 49 -22.58 1.48 -9.61
N TRP A 50 -22.49 0.22 -9.22
CA TRP A 50 -22.15 -0.16 -7.85
C TRP A 50 -20.74 -0.74 -7.78
N GLY A 51 -20.02 -0.34 -6.73
CA GLY A 51 -18.65 -0.79 -6.44
C GLY A 51 -18.54 -1.11 -4.96
N GLU A 52 -17.46 -1.80 -4.62
CA GLU A 52 -17.18 -2.13 -3.23
C GLU A 52 -15.66 -2.15 -3.09
N ALA A 53 -15.14 -1.54 -2.02
CA ALA A 53 -13.71 -1.49 -1.73
C ALA A 53 -13.40 -2.51 -0.65
N PHE A 54 -12.23 -3.14 -0.76
CA PHE A 54 -11.81 -4.03 0.31
C PHE A 54 -11.48 -3.17 1.55
N SER A 55 -12.24 -3.35 2.63
CA SER A 55 -12.10 -2.45 3.78
C SER A 55 -11.09 -2.97 4.79
N ILE A 56 -10.43 -2.05 5.49
CA ILE A 56 -9.29 -2.39 6.36
C ILE A 56 -9.53 -1.63 7.65
N ASN A 57 -9.41 -2.33 8.77
CA ASN A 57 -9.71 -1.76 10.09
C ASN A 57 -8.96 -0.45 10.32
N PHE A 58 -9.67 0.58 10.79
CA PHE A 58 -9.11 1.95 11.04
C PHE A 58 -8.82 2.81 9.80
N ARG A 59 -9.06 2.24 8.62
CA ARG A 59 -8.75 2.90 7.36
C ARG A 59 -9.99 3.09 6.50
N GLU A 60 -11.13 2.62 6.99
CA GLU A 60 -12.35 2.70 6.21
C GLU A 60 -12.72 4.10 5.77
N LYS A 61 -12.67 5.07 6.68
CA LYS A 61 -13.00 6.46 6.33
C LYS A 61 -11.91 7.03 5.39
N GLY A 62 -10.67 6.65 5.63
CA GLY A 62 -9.55 7.07 4.79
C GLY A 62 -9.74 6.60 3.35
N ILE A 63 -10.14 5.34 3.20
CA ILE A 63 -10.40 4.79 1.87
C ILE A 63 -11.55 5.57 1.19
N ALA A 64 -12.62 5.80 1.94
CA ALA A 64 -13.78 6.52 1.40
C ALA A 64 -13.42 7.95 0.93
N ILE A 65 -12.61 8.64 1.72
CA ILE A 65 -12.15 9.97 1.36
C ILE A 65 -11.31 9.97 0.08
N ILE A 66 -10.46 8.96 -0.08
CA ILE A 66 -9.71 8.77 -1.31
C ILE A 66 -10.63 8.50 -2.50
N ILE A 67 -11.60 7.59 -2.36
CA ILE A 67 -12.59 7.41 -3.39
C ILE A 67 -13.25 8.75 -3.75
N LYS A 68 -13.64 9.51 -2.75
CA LYS A 68 -14.28 10.80 -2.97
C LYS A 68 -13.35 11.75 -3.75
N GLU A 69 -12.07 11.78 -3.39
CA GLU A 69 -11.16 12.69 -4.10
C GLU A 69 -10.88 12.27 -5.54
N LEU A 70 -10.79 10.96 -5.74
CA LEU A 70 -10.62 10.42 -7.08
C LEU A 70 -11.86 10.73 -7.91
N PHE A 71 -13.03 10.57 -7.29
CA PHE A 71 -14.25 10.83 -7.99
C PHE A 71 -14.31 12.26 -8.51
N ARG A 72 -13.98 13.22 -7.66
CA ARG A 72 -13.99 14.64 -8.02
C ARG A 72 -13.08 14.88 -9.20
N GLU A 73 -11.89 14.28 -9.16
CA GLU A 73 -10.93 14.46 -10.24
C GLU A 73 -11.41 13.89 -11.57
N ILE A 74 -12.07 12.75 -11.53
CA ILE A 74 -12.49 12.10 -12.77
C ILE A 74 -13.88 12.50 -13.27
N SER A 75 -14.66 13.20 -12.43
CA SER A 75 -16.09 13.44 -12.72
C SER A 75 -16.36 14.41 -13.90
N ASN A 76 -15.36 15.19 -14.26
CA ASN A 76 -15.49 16.21 -15.31
C ASN A 76 -14.89 15.76 -16.64
N ILE A 77 -14.36 14.54 -16.68
CA ILE A 77 -13.77 13.96 -17.88
C ILE A 77 -14.93 13.59 -18.82
N PRO A 78 -15.09 14.34 -19.92
CA PRO A 78 -16.30 14.17 -20.76
C PRO A 78 -16.41 12.81 -21.44
N ASN A 79 -15.27 12.25 -21.82
CA ASN A 79 -15.24 11.01 -22.58
C ASN A 79 -14.71 9.84 -21.75
N LEU A 80 -15.10 9.80 -20.48
CA LEU A 80 -14.63 8.77 -19.54
C LEU A 80 -15.00 7.34 -19.96
N SER A 81 -14.05 6.42 -19.79
CA SER A 81 -14.27 5.01 -19.96
C SER A 81 -13.47 4.25 -18.90
N ILE A 82 -13.69 2.94 -18.80
CA ILE A 82 -12.90 2.09 -17.89
C ILE A 82 -11.43 2.28 -18.21
N LYS A 83 -11.10 2.21 -19.50
CA LYS A 83 -9.71 2.41 -19.98
C LYS A 83 -9.15 3.78 -19.64
N SER A 84 -9.88 4.86 -19.92
CA SER A 84 -9.31 6.17 -19.63
C SER A 84 -9.22 6.39 -18.12
N PHE A 85 -10.16 5.82 -17.38
CA PHE A 85 -10.06 5.82 -15.91
C PHE A 85 -8.75 5.14 -15.48
N TYR A 86 -8.53 3.95 -16.00
CA TYR A 86 -7.34 3.14 -15.61
C TYR A 86 -6.07 3.91 -15.91
N ASN A 87 -6.02 4.49 -17.11
CA ASN A 87 -4.88 5.32 -17.52
C ASN A 87 -4.66 6.54 -16.65
N LYS A 88 -5.75 7.19 -16.25
CA LYS A 88 -5.66 8.35 -15.40
C LYS A 88 -5.13 7.98 -14.02
N ILE A 89 -5.66 6.89 -13.46
CA ILE A 89 -5.13 6.35 -12.19
C ILE A 89 -3.62 6.10 -12.28
N SER A 90 -3.19 5.42 -13.34
CA SER A 90 -1.78 5.14 -13.54
C SER A 90 -0.98 6.44 -13.52
N LEU A 91 -1.46 7.48 -14.21
CA LEU A 91 -0.77 8.77 -14.28
C LEU A 91 -0.67 9.46 -12.92
N LEU A 92 -1.80 9.61 -12.22
CA LEU A 92 -1.81 10.33 -10.97
C LEU A 92 -1.13 9.59 -9.81
N SER A 93 -1.19 8.27 -9.81
CA SER A 93 -0.57 7.50 -8.71
C SER A 93 0.96 7.46 -8.79
N ASP A 94 1.48 7.50 -10.02
CA ASP A 94 2.94 7.56 -10.27
C ASP A 94 3.68 6.53 -9.45
N GLY A 95 3.24 5.28 -9.54
CA GLY A 95 3.88 4.17 -8.83
C GLY A 95 3.73 4.12 -7.33
N HIS A 96 2.92 5.00 -6.74
CA HIS A 96 2.64 4.94 -5.31
C HIS A 96 1.39 4.09 -5.11
N ARG A 97 1.54 2.91 -4.55
CA ARG A 97 0.41 1.96 -4.51
C ARG A 97 -0.11 1.75 -3.10
N GLY A 98 -0.30 0.50 -2.70
CA GLY A 98 -0.66 0.18 -1.32
C GLY A 98 -2.10 -0.27 -1.31
N LEU A 99 -2.48 -1.02 -0.29
CA LEU A 99 -3.80 -1.66 -0.25
C LEU A 99 -4.93 -0.67 -0.19
N ASP A 100 -4.79 0.37 0.65
CA ASP A 100 -5.84 1.38 0.82
C ASP A 100 -6.15 2.04 -0.53
N PHE A 101 -5.11 2.46 -1.27
CA PHE A 101 -5.36 3.13 -2.53
C PHE A 101 -5.98 2.16 -3.55
N SER A 102 -5.43 0.95 -3.60
CA SER A 102 -5.89 -0.10 -4.52
C SER A 102 -7.33 -0.48 -4.20
N SER A 103 -7.71 -0.45 -2.91
CA SER A 103 -9.13 -0.68 -2.55
C SER A 103 -10.02 0.44 -3.08
N ALA A 104 -9.55 1.68 -2.94
CA ALA A 104 -10.29 2.84 -3.47
C ALA A 104 -10.53 2.73 -4.99
N THR A 105 -9.48 2.44 -5.74
CA THR A 105 -9.57 2.42 -7.21
C THR A 105 -10.37 1.19 -7.61
N SER A 106 -10.24 0.09 -6.88
CA SER A 106 -11.12 -1.10 -7.16
C SER A 106 -12.60 -0.72 -7.13
N ALA A 107 -13.01 -0.02 -6.10
CA ALA A 107 -14.42 0.26 -5.92
C ALA A 107 -14.91 1.07 -7.13
N ILE A 108 -14.14 2.06 -7.54
CA ILE A 108 -14.56 2.95 -8.64
C ILE A 108 -14.54 2.13 -9.93
N GLU A 109 -13.46 1.36 -10.17
CA GLU A 109 -13.41 0.63 -11.44
C GLU A 109 -14.54 -0.36 -11.55
N ILE A 110 -14.87 -1.03 -10.46
CA ILE A 110 -15.94 -2.02 -10.45
C ILE A 110 -17.26 -1.33 -10.79
N ALA A 111 -17.49 -0.15 -10.22
CA ALA A 111 -18.72 0.61 -10.57
C ALA A 111 -18.80 1.00 -12.06
N LEU A 112 -17.65 1.37 -12.64
CA LEU A 112 -17.60 1.72 -14.07
C LEU A 112 -17.90 0.48 -14.95
N TRP A 113 -17.46 -0.70 -14.49
CA TRP A 113 -17.79 -1.94 -15.18
C TRP A 113 -19.29 -2.23 -15.12
N ASP A 114 -19.91 -1.96 -13.98
CA ASP A 114 -21.35 -2.17 -13.80
C ASP A 114 -22.07 -1.27 -14.81
N ILE A 115 -21.66 -0.01 -14.81
CA ILE A 115 -22.22 1.02 -15.73
C ILE A 115 -22.05 0.55 -17.17
N SER A 116 -20.83 0.15 -17.53
CA SER A 116 -20.53 -0.35 -18.88
C SER A 116 -21.41 -1.53 -19.28
N GLY A 117 -21.62 -2.44 -18.36
CA GLY A 117 -22.55 -3.56 -18.56
C GLY A 117 -23.98 -3.07 -18.83
N LYS A 118 -24.41 -2.08 -18.06
CA LYS A 118 -25.74 -1.51 -18.24
C LYS A 118 -25.90 -0.77 -19.56
N LEU A 119 -24.84 -0.08 -19.99
CA LEU A 119 -24.88 0.60 -21.29
C LEU A 119 -24.97 -0.37 -22.49
N LYS A 120 -24.38 -1.54 -22.35
CA LYS A 120 -24.45 -2.60 -23.37
C LYS A 120 -25.63 -3.56 -23.14
N ASN A 121 -26.36 -3.37 -22.04
CA ASN A 121 -27.39 -4.32 -21.61
C ASN A 121 -26.92 -5.77 -21.55
N LEU A 122 -25.75 -5.95 -20.96
CA LEU A 122 -25.16 -7.27 -20.84
C LEU A 122 -24.63 -7.52 -19.43
N PRO A 123 -24.76 -8.77 -18.94
CA PRO A 123 -24.07 -9.07 -17.68
C PRO A 123 -22.56 -8.88 -17.83
N LEU A 124 -21.89 -8.58 -16.72
CA LEU A 124 -20.47 -8.25 -16.78
C LEU A 124 -19.63 -9.38 -17.44
N ASN A 125 -19.96 -10.62 -17.11
CA ASN A 125 -19.15 -11.72 -17.64
C ASN A 125 -19.17 -11.74 -19.17
N SER A 126 -20.30 -11.34 -19.76
CA SER A 126 -20.45 -11.24 -21.22
C SER A 126 -19.62 -10.11 -21.84
N LEU A 127 -19.29 -9.09 -21.05
CA LEU A 127 -18.33 -8.07 -21.44
C LEU A 127 -16.90 -8.58 -21.35
N LEU A 128 -16.68 -9.57 -20.52
CA LEU A 128 -15.33 -10.04 -20.24
C LEU A 128 -14.88 -11.13 -21.19
N THR A 129 -15.79 -12.02 -21.56
CA THR A 129 -15.45 -13.09 -22.50
C THR A 129 -16.66 -13.43 -23.35
N LYS A 130 -16.52 -14.08 -24.51
N LYS A 130 -16.29 -13.93 -24.53
CA LYS A 130 -17.74 -14.32 -25.35
CA LYS A 130 -17.11 -14.79 -25.32
C LYS A 130 -18.83 -15.23 -24.76
C LYS A 130 -17.19 -16.10 -24.56
N SER A 131 -18.38 -16.25 -24.03
CA SER A 131 -19.07 -17.45 -23.60
C SER A 131 -18.65 -17.77 -22.16
N PRO A 132 -19.15 -16.97 -21.20
CA PRO A 132 -18.81 -17.19 -19.77
C PRO A 132 -19.45 -18.45 -19.24
N LYS A 133 -18.86 -19.06 -18.20
CA LYS A 133 -19.50 -20.16 -17.52
C LYS A 133 -20.66 -19.58 -16.67
N PRO A 134 -21.85 -20.16 -16.75
CA PRO A 134 -22.97 -19.64 -15.95
C PRO A 134 -22.84 -19.92 -14.45
N ASN A 135 -22.11 -20.98 -14.11
CA ASN A 135 -21.93 -21.50 -12.75
CA ASN A 135 -21.94 -21.35 -12.71
C ASN A 135 -20.49 -21.26 -12.26
N VAL A 136 -20.30 -21.04 -10.96
CA VAL A 136 -18.94 -20.83 -10.48
C VAL A 136 -18.68 -21.67 -9.25
N PRO A 137 -17.73 -22.63 -9.32
CA PRO A 137 -17.49 -23.39 -8.10
C PRO A 137 -17.06 -22.50 -6.94
N ILE A 138 -17.56 -22.79 -5.75
CA ILE A 138 -17.22 -22.00 -4.55
C ILE A 138 -16.71 -22.87 -3.41
N TYR A 139 -16.06 -22.25 -2.42
CA TYR A 139 -15.75 -22.92 -1.18
C TYR A 139 -16.10 -21.93 -0.07
N ALA A 140 -16.28 -22.46 1.14
CA ALA A 140 -16.67 -21.67 2.28
C ALA A 140 -15.57 -21.51 3.28
N THR A 141 -15.38 -20.28 3.73
CA THR A 141 -14.37 -19.98 4.74
C THR A 141 -15.01 -19.97 6.12
N CYS A 142 -14.38 -20.71 7.04
CA CYS A 142 -14.85 -20.80 8.43
C CYS A 142 -13.93 -19.98 9.32
N TRP A 143 -14.35 -18.76 9.65
CA TRP A 143 -13.54 -17.89 10.45
C TRP A 143 -14.43 -17.00 11.31
N SER A 144 -14.01 -16.77 12.55
CA SER A 144 -14.71 -15.80 13.41
C SER A 144 -13.77 -14.92 14.25
N ASP A 145 -14.20 -13.69 14.49
CA ASP A 145 -13.46 -12.78 15.39
C ASP A 145 -13.90 -12.87 16.84
N LEU A 146 -14.93 -13.69 17.09
CA LEU A 146 -15.44 -13.93 18.44
C LEU A 146 -14.72 -15.06 19.15
N LYS A 147 -14.74 -15.04 20.48
CA LYS A 147 -14.06 -16.07 21.25
C LYS A 147 -14.83 -17.37 21.21
N LYS A 148 -14.15 -18.40 20.73
CA LYS A 148 -14.71 -19.75 20.67
C LYS A 148 -13.65 -20.80 20.97
N ASP A 149 -14.10 -21.98 21.34
CA ASP A 149 -13.21 -23.12 21.43
C ASP A 149 -13.25 -23.89 20.11
N THR A 150 -12.31 -24.80 19.95
CA THR A 150 -12.27 -25.73 18.83
C THR A 150 -13.64 -26.41 18.57
N ASN A 151 -14.38 -26.72 19.65
CA ASN A 151 -15.71 -27.33 19.55
C ASN A 151 -16.72 -26.48 18.81
N ASP A 152 -16.71 -25.17 19.07
CA ASP A 152 -17.60 -24.25 18.37
C ASP A 152 -17.31 -24.26 16.87
N TYR A 153 -16.02 -24.30 16.53
CA TYR A 153 -15.64 -24.39 15.12
C TYR A 153 -16.14 -25.69 14.49
N LEU A 154 -15.96 -26.80 15.20
CA LEU A 154 -16.41 -28.11 14.71
C LEU A 154 -17.89 -28.19 14.37
N ARG A 155 -18.74 -27.63 15.23
CA ARG A 155 -20.19 -27.61 14.99
C ARG A 155 -20.52 -26.71 13.79
N GLN A 156 -19.76 -25.62 13.65
CA GLN A 156 -19.90 -24.76 12.47
C GLN A 156 -19.43 -25.48 11.22
N ILE A 157 -18.38 -26.27 11.35
CA ILE A 157 -17.88 -27.05 10.21
C ILE A 157 -18.87 -28.16 9.81
N GLU A 158 -19.57 -28.77 10.78
CA GLU A 158 -20.68 -29.69 10.46
C GLU A 158 -21.79 -29.03 9.65
N LYS A 159 -22.12 -27.78 10.02
CA LYS A 159 -23.14 -27.00 9.35
C LYS A 159 -22.75 -26.79 7.89
N PHE A 160 -21.56 -26.23 7.67
CA PHE A 160 -21.01 -26.07 6.33
C PHE A 160 -21.00 -27.39 5.53
N TYR A 161 -20.54 -28.46 6.14
CA TYR A 161 -20.54 -29.79 5.49
C TYR A 161 -21.93 -30.11 4.94
N GLY A 162 -22.94 -29.99 5.79
CA GLY A 162 -24.34 -30.17 5.40
C GLY A 162 -24.76 -29.40 4.16
N LYS A 163 -24.06 -28.29 3.89
CA LYS A 163 -24.46 -27.39 2.83
C LYS A 163 -23.87 -27.76 1.48
N LYS A 164 -22.95 -28.71 1.46
CA LYS A 164 -22.40 -29.26 0.21
C LYS A 164 -21.67 -28.21 -0.65
N TYR A 165 -20.94 -27.31 0.00
CA TYR A 165 -20.03 -26.38 -0.70
C TYR A 165 -18.93 -27.13 -1.45
N GLY A 166 -18.21 -26.42 -2.32
CA GLY A 166 -17.12 -27.05 -3.08
C GLY A 166 -15.89 -27.34 -2.26
N GLY A 167 -15.88 -26.88 -1.01
CA GLY A 167 -14.70 -26.96 -0.15
C GLY A 167 -14.93 -26.18 1.13
N ILE A 168 -14.10 -26.43 2.13
CA ILE A 168 -14.14 -25.63 3.37
C ILE A 168 -12.71 -25.18 3.69
N LYS A 169 -12.55 -23.88 3.97
CA LYS A 169 -11.26 -23.37 4.41
C LYS A 169 -11.24 -23.10 5.92
N ILE A 170 -10.27 -23.68 6.62
CA ILE A 170 -10.11 -23.46 8.07
C ILE A 170 -8.79 -22.78 8.41
N TYR A 171 -8.68 -22.31 9.65
CA TYR A 171 -7.49 -21.65 10.14
C TYR A 171 -6.93 -22.48 11.29
N PRO A 172 -6.04 -23.44 10.97
CA PRO A 172 -5.65 -24.51 11.90
C PRO A 172 -4.47 -24.17 12.82
N MET A 173 -3.87 -23.00 12.70
CA MET A 173 -2.73 -22.70 13.59
C MET A 173 -3.21 -22.27 14.97
N LEU A 174 -3.21 -23.22 15.89
CA LEU A 174 -3.73 -23.01 17.24
C LEU A 174 -2.60 -22.99 18.26
N ASP A 175 -2.94 -23.20 19.54
CA ASP A 175 -1.96 -23.00 20.61
C ASP A 175 -0.65 -23.73 20.46
N SER A 176 -0.71 -24.96 19.94
CA SER A 176 0.47 -25.78 19.76
C SER A 176 0.31 -26.68 18.54
N LEU A 177 1.40 -27.29 18.10
CA LEU A 177 1.39 -28.18 16.94
C LEU A 177 0.35 -29.27 17.09
N SER A 178 0.34 -29.96 18.24
CA SER A 178 -0.53 -31.12 18.37
C SER A 178 -2.02 -30.74 18.51
N ILE A 179 -2.29 -29.56 19.07
CA ILE A 179 -3.66 -29.04 19.12
C ILE A 179 -4.12 -28.66 17.67
N SER A 180 -3.21 -28.05 16.91
CA SER A 180 -3.45 -27.70 15.49
C SER A 180 -3.77 -28.92 14.64
N ILE A 181 -2.98 -29.98 14.80
CA ILE A 181 -3.17 -31.22 14.06
C ILE A 181 -4.47 -31.96 14.45
N GLN A 182 -4.73 -32.05 15.75
CA GLN A 182 -5.99 -32.60 16.28
C GLN A 182 -7.19 -31.93 15.63
N PHE A 183 -7.11 -30.61 15.52
CA PHE A 183 -8.14 -29.84 14.86
C PHE A 183 -8.32 -30.27 13.40
N VAL A 184 -7.23 -30.40 12.65
CA VAL A 184 -7.33 -30.81 11.24
C VAL A 184 -7.92 -32.23 11.15
N GLU A 185 -7.48 -33.10 12.05
CA GLU A 185 -7.94 -34.49 12.06
C GLU A 185 -9.45 -34.60 12.27
N LYS A 186 -9.95 -33.94 13.32
CA LYS A 186 -11.38 -33.88 13.61
C LYS A 186 -12.18 -33.28 12.45
N VAL A 187 -11.64 -32.25 11.79
CA VAL A 187 -12.33 -31.68 10.65
C VAL A 187 -12.47 -32.69 9.51
N ARG A 188 -11.37 -33.37 9.19
CA ARG A 188 -11.36 -34.39 8.14
C ARG A 188 -12.37 -35.53 8.44
N GLU A 189 -12.59 -35.80 9.72
CA GLU A 189 -13.55 -36.82 10.14
C GLU A 189 -15.00 -36.39 9.90
N ILE A 190 -15.26 -35.10 10.08
CA ILE A 190 -16.58 -34.53 9.84
C ILE A 190 -16.91 -34.48 8.35
N VAL A 191 -15.93 -34.08 7.54
CA VAL A 191 -16.17 -33.76 6.14
C VAL A 191 -15.87 -34.94 5.20
N GLY A 192 -15.09 -35.90 5.69
CA GLY A 192 -14.76 -37.06 4.89
C GLY A 192 -13.52 -36.82 4.06
N ASP A 193 -13.08 -37.83 3.33
CA ASP A 193 -11.81 -37.75 2.62
C ASP A 193 -11.88 -37.06 1.26
N GLU A 194 -13.08 -36.88 0.72
CA GLU A 194 -13.22 -36.38 -0.64
C GLU A 194 -13.27 -34.85 -0.72
N LEU A 195 -13.74 -34.21 0.34
CA LEU A 195 -14.00 -32.76 0.28
C LEU A 195 -12.71 -31.94 0.29
N PRO A 196 -12.59 -31.02 -0.66
CA PRO A 196 -11.46 -30.08 -0.56
C PRO A 196 -11.43 -29.41 0.80
N LEU A 197 -10.31 -29.58 1.51
CA LEU A 197 -10.11 -28.92 2.77
C LEU A 197 -8.91 -27.98 2.60
N MET A 198 -9.19 -26.69 2.58
CA MET A 198 -8.08 -25.72 2.52
C MET A 198 -7.66 -25.16 3.87
N LEU A 199 -6.37 -24.85 4.00
CA LEU A 199 -5.81 -24.47 5.27
C LEU A 199 -5.20 -23.09 5.10
N ASP A 200 -5.70 -22.14 5.88
CA ASP A 200 -5.16 -20.80 5.87
C ASP A 200 -4.28 -20.64 7.07
N LEU A 201 -2.97 -20.63 6.86
CA LEU A 201 -2.02 -20.45 7.97
C LEU A 201 -1.87 -19.01 8.47
N ALA A 202 -2.33 -18.04 7.68
CA ALA A 202 -2.43 -16.65 8.15
C ALA A 202 -1.07 -16.05 8.59
N VAL A 203 0.00 -16.43 7.88
CA VAL A 203 1.36 -15.90 8.07
C VAL A 203 1.83 -16.11 9.52
N PRO A 204 2.12 -17.37 9.90
CA PRO A 204 2.62 -17.66 11.23
C PRO A 204 3.97 -16.97 11.45
N GLU A 205 4.13 -16.43 12.66
CA GLU A 205 5.31 -15.65 13.01
C GLU A 205 6.57 -16.53 12.97
N ASP A 206 6.41 -17.79 13.35
CA ASP A 206 7.55 -18.71 13.50
C ASP A 206 7.61 -19.77 12.39
N LEU A 207 8.57 -19.58 11.49
CA LEU A 207 8.80 -20.45 10.33
C LEU A 207 8.99 -21.92 10.72
N ASP A 208 9.67 -22.14 11.84
CA ASP A 208 9.83 -23.50 12.37
C ASP A 208 8.51 -24.17 12.74
N GLN A 209 7.61 -23.48 13.43
CA GLN A 209 6.24 -24.01 13.66
C GLN A 209 5.55 -24.38 12.36
N THR A 210 5.64 -23.47 11.38
CA THR A 210 5.04 -23.69 10.06
C THR A 210 5.55 -24.95 9.39
N LYS A 211 6.87 -25.10 9.35
CA LYS A 211 7.47 -26.28 8.77
C LYS A 211 7.05 -27.56 9.50
N SER A 212 7.06 -27.55 10.83
CA SER A 212 6.66 -28.71 11.60
CA SER A 212 6.66 -28.73 11.61
C SER A 212 5.19 -29.06 11.34
N PHE A 213 4.34 -28.04 11.32
CA PHE A 213 2.92 -28.24 11.00
C PHE A 213 2.75 -28.88 9.62
N LEU A 214 3.37 -28.29 8.61
CA LEU A 214 3.22 -28.77 7.25
C LEU A 214 3.72 -30.22 7.06
N LYS A 215 4.73 -30.58 7.85
CA LYS A 215 5.26 -31.94 7.83
C LYS A 215 4.24 -32.94 8.40
N GLU A 216 3.52 -32.53 9.44
CA GLU A 216 2.53 -33.40 10.08
C GLU A 216 1.16 -33.37 9.40
N VAL A 217 0.86 -32.31 8.65
CA VAL A 217 -0.50 -32.15 8.13
C VAL A 217 -0.69 -32.81 6.77
N SER A 218 0.41 -33.18 6.11
CA SER A 218 0.33 -33.66 4.73
C SER A 218 -0.56 -34.90 4.57
N SER A 219 -0.64 -35.73 5.61
CA SER A 219 -1.44 -36.97 5.52
C SER A 219 -2.95 -36.73 5.48
N PHE A 220 -3.38 -35.52 5.88
CA PHE A 220 -4.78 -35.16 5.81
C PHE A 220 -5.17 -34.58 4.44
N ASN A 221 -4.23 -34.62 3.50
CA ASN A 221 -4.47 -34.23 2.10
C ASN A 221 -5.11 -32.84 1.95
N PRO A 222 -4.45 -31.79 2.50
CA PRO A 222 -5.04 -30.48 2.30
C PRO A 222 -5.09 -30.06 0.82
N TYR A 223 -6.17 -29.41 0.45
CA TYR A 223 -6.35 -28.99 -0.92
C TYR A 223 -5.35 -27.88 -1.28
N TRP A 224 -5.13 -26.97 -0.34
CA TRP A 224 -4.08 -25.94 -0.50
C TRP A 224 -3.66 -25.39 0.82
N ILE A 225 -2.52 -24.70 0.83
CA ILE A 225 -1.95 -24.12 2.02
C ILE A 225 -1.82 -22.64 1.70
N GLU A 226 -2.52 -21.82 2.46
CA GLU A 226 -2.64 -20.41 2.14
C GLU A 226 -1.79 -19.57 3.10
N GLU A 227 -1.02 -18.63 2.53
CA GLU A 227 -0.17 -17.73 3.29
C GLU A 227 0.69 -18.42 4.37
N PRO A 228 1.50 -19.42 3.97
CA PRO A 228 2.36 -20.10 4.97
C PRO A 228 3.46 -19.13 5.42
N VAL A 229 3.76 -18.15 4.56
CA VAL A 229 4.74 -17.10 4.88
C VAL A 229 4.26 -15.77 4.31
N ASP A 230 4.91 -14.68 4.70
CA ASP A 230 4.50 -13.36 4.24
C ASP A 230 4.59 -13.28 2.71
N GLY A 231 3.56 -12.71 2.07
CA GLY A 231 3.50 -12.68 0.61
C GLY A 231 4.61 -11.87 -0.03
N GLU A 232 5.20 -10.97 0.75
CA GLU A 232 6.33 -10.18 0.24
C GLU A 232 7.67 -10.88 0.38
N ASN A 233 7.70 -11.94 1.19
CA ASN A 233 8.94 -12.70 1.36
C ASN A 233 8.98 -13.79 0.31
N ILE A 234 9.30 -13.40 -0.91
CA ILE A 234 9.20 -14.31 -2.05
C ILE A 234 10.22 -15.45 -1.87
N SER A 235 11.38 -15.12 -1.32
CA SER A 235 12.41 -16.13 -1.04
C SER A 235 11.84 -17.27 -0.22
N LEU A 236 11.12 -16.94 0.86
CA LEU A 236 10.53 -17.96 1.74
CA LEU A 236 10.56 -17.98 1.71
C LEU A 236 9.38 -18.70 1.07
N LEU A 237 8.60 -17.98 0.26
CA LEU A 237 7.50 -18.65 -0.45
C LEU A 237 8.05 -19.75 -1.35
N THR A 238 9.09 -19.41 -2.09
CA THR A 238 9.70 -20.39 -2.99
C THR A 238 10.23 -21.56 -2.15
N GLU A 239 10.89 -21.26 -1.05
CA GLU A 239 11.43 -22.30 -0.19
C GLU A 239 10.33 -23.28 0.29
N ILE A 240 9.21 -22.74 0.75
CA ILE A 240 8.05 -23.57 1.16
C ILE A 240 7.49 -24.38 0.03
N LYS A 241 7.24 -23.74 -1.11
CA LYS A 241 6.65 -24.44 -2.25
C LYS A 241 7.56 -25.58 -2.69
N ASN A 242 8.87 -25.38 -2.58
CA ASN A 242 9.87 -26.36 -3.02
C ASN A 242 10.06 -27.52 -2.05
N THR A 243 9.69 -27.30 -0.80
CA THR A 243 9.91 -28.26 0.28
C THR A 243 8.74 -29.22 0.42
N PHE A 244 7.53 -28.73 0.14
CA PHE A 244 6.33 -29.53 0.37
C PHE A 244 5.56 -29.81 -0.91
N ASN A 245 4.81 -30.90 -0.94
CA ASN A 245 4.07 -31.28 -2.14
C ASN A 245 2.60 -30.89 -1.97
N MET A 246 2.39 -29.64 -1.59
CA MET A 246 1.06 -29.11 -1.38
C MET A 246 0.93 -27.76 -2.12
N LYS A 247 -0.23 -27.46 -2.67
CA LYS A 247 -0.40 -26.21 -3.39
C LYS A 247 -0.27 -24.98 -2.49
N VAL A 248 0.54 -24.01 -2.90
CA VAL A 248 0.77 -22.79 -2.11
C VAL A 248 -0.07 -21.61 -2.70
N VAL A 249 -0.76 -20.89 -1.82
CA VAL A 249 -1.63 -19.78 -2.21
C VAL A 249 -1.10 -18.48 -1.58
N THR A 250 -1.00 -17.40 -2.33
CA THR A 250 -0.58 -16.12 -1.76
C THR A 250 -1.22 -15.02 -2.59
N GLY A 251 -1.30 -13.80 -2.04
CA GLY A 251 -1.70 -12.68 -2.88
C GLY A 251 -2.73 -11.78 -2.22
N GLU A 252 -3.52 -12.33 -1.30
CA GLU A 252 -4.60 -11.56 -0.66
C GLU A 252 -4.18 -10.23 -0.03
N LYS A 253 -2.96 -10.12 0.47
CA LYS A 253 -2.56 -8.88 1.15
C LYS A 253 -1.70 -7.98 0.24
N GLN A 254 -1.60 -8.33 -1.04
CA GLN A 254 -0.78 -7.57 -1.97
C GLN A 254 -1.64 -7.07 -3.14
N SER A 255 -1.15 -6.05 -3.85
CA SER A 255 -1.88 -5.52 -5.00
C SER A 255 -0.90 -5.07 -6.03
N GLY A 256 -1.39 -4.82 -7.25
CA GLY A 256 -0.56 -4.33 -8.31
C GLY A 256 -0.01 -5.44 -9.18
N LEU A 257 0.20 -5.14 -10.45
CA LEU A 257 0.68 -6.17 -11.37
C LEU A 257 2.11 -6.61 -11.09
N VAL A 258 2.96 -5.67 -10.68
CA VAL A 258 4.40 -5.94 -10.59
C VAL A 258 4.72 -7.05 -9.59
N HIS A 259 4.12 -6.99 -8.39
CA HIS A 259 4.39 -8.05 -7.39
C HIS A 259 3.97 -9.41 -7.96
N PHE A 260 2.80 -9.48 -8.58
CA PHE A 260 2.34 -10.78 -9.11
C PHE A 260 3.18 -11.28 -10.28
N ARG A 261 3.69 -10.35 -11.09
CA ARG A 261 4.63 -10.74 -12.14
C ARG A 261 5.91 -11.32 -11.53
N GLU A 262 6.41 -10.72 -10.46
CA GLU A 262 7.58 -11.27 -9.75
C GLU A 262 7.26 -12.68 -9.22
N LEU A 263 6.08 -12.89 -8.62
CA LEU A 263 5.73 -14.24 -8.11
C LEU A 263 5.74 -15.23 -9.26
N ILE A 264 5.20 -14.83 -10.41
CA ILE A 264 5.22 -15.73 -11.59
C ILE A 264 6.66 -16.08 -12.00
N SER A 265 7.51 -15.05 -12.05
CA SER A 265 8.93 -15.14 -12.48
CA SER A 265 8.90 -15.16 -12.51
C SER A 265 9.68 -16.11 -11.63
N ARG A 266 9.35 -16.08 -10.34
CA ARG A 266 10.06 -16.83 -9.33
C ARG A 266 9.46 -18.21 -9.03
N ASN A 267 8.43 -18.59 -9.75
CA ASN A 267 7.66 -19.82 -9.49
C ASN A 267 7.34 -19.93 -8.00
N ALA A 268 6.77 -18.87 -7.44
CA ALA A 268 6.67 -18.78 -5.99
C ALA A 268 5.35 -19.29 -5.41
N ALA A 269 4.40 -19.64 -6.26
CA ALA A 269 3.09 -20.06 -5.80
C ALA A 269 2.35 -20.84 -6.87
N ASP A 270 1.34 -21.58 -6.43
CA ASP A 270 0.53 -22.39 -7.32
C ASP A 270 -0.80 -21.70 -7.67
N ILE A 271 -1.26 -20.84 -6.74
CA ILE A 271 -2.56 -20.16 -6.88
C ILE A 271 -2.37 -18.75 -6.32
N PHE A 272 -2.94 -17.74 -6.96
CA PHE A 272 -2.93 -16.40 -6.38
C PHE A 272 -4.34 -16.07 -5.85
N ASN A 273 -4.44 -15.38 -4.72
CA ASN A 273 -5.74 -15.01 -4.19
C ASN A 273 -5.80 -13.48 -3.87
N PRO A 274 -5.53 -12.63 -4.86
CA PRO A 274 -5.72 -11.19 -4.61
C PRO A 274 -7.22 -10.99 -4.26
N ASP A 275 -7.52 -9.95 -3.49
CA ASP A 275 -8.95 -9.73 -3.16
C ASP A 275 -9.61 -9.05 -4.36
N ILE A 276 -10.81 -9.49 -4.66
CA ILE A 276 -11.57 -8.95 -5.80
C ILE A 276 -11.71 -7.41 -5.75
N SER A 277 -11.78 -6.89 -4.54
CA SER A 277 -12.04 -5.47 -4.30
C SER A 277 -10.79 -4.80 -3.75
N GLY A 278 -9.65 -5.48 -3.84
CA GLY A 278 -8.41 -4.92 -3.32
C GLY A 278 -7.26 -4.87 -4.29
N MET A 279 -7.37 -5.55 -5.44
CA MET A 279 -6.20 -5.67 -6.33
C MET A 279 -5.88 -4.33 -7.01
N GLY A 280 -6.91 -3.50 -7.21
CA GLY A 280 -6.79 -2.22 -7.91
C GLY A 280 -7.94 -2.03 -8.88
N GLY A 281 -8.45 -3.16 -9.40
CA GLY A 281 -9.59 -3.14 -10.32
C GLY A 281 -9.69 -4.45 -11.07
N LEU A 282 -10.66 -4.54 -11.99
CA LEU A 282 -10.89 -5.78 -12.73
C LEU A 282 -9.92 -5.99 -13.89
N ILE A 283 -9.49 -4.90 -14.50
CA ILE A 283 -8.53 -4.94 -15.60
C ILE A 283 -7.30 -5.69 -15.05
N ASP A 284 -6.84 -5.31 -13.85
CA ASP A 284 -5.64 -5.90 -13.31
C ASP A 284 -5.78 -7.34 -12.87
N ILE A 285 -6.93 -7.70 -12.33
CA ILE A 285 -7.19 -9.08 -11.97
C ILE A 285 -7.21 -9.97 -13.22
N ILE A 286 -7.91 -9.50 -14.26
CA ILE A 286 -7.96 -10.23 -15.53
C ILE A 286 -6.59 -10.35 -16.20
N GLU A 287 -5.81 -9.26 -16.19
CA GLU A 287 -4.46 -9.29 -16.78
C GLU A 287 -3.57 -10.30 -16.07
N ILE A 288 -3.59 -10.29 -14.74
CA ILE A 288 -2.80 -11.27 -14.00
C ILE A 288 -3.34 -12.69 -14.13
N SER A 289 -4.65 -12.86 -14.29
CA SER A 289 -5.22 -14.20 -14.49
C SER A 289 -4.67 -14.80 -15.79
N ASN A 290 -4.58 -13.97 -16.81
CA ASN A 290 -4.13 -14.42 -18.14
C ASN A 290 -2.65 -14.81 -18.10
N GLU A 291 -1.82 -13.95 -17.50
CA GLU A 291 -0.41 -14.27 -17.35
C GLU A 291 -0.21 -15.53 -16.49
N ALA A 292 -0.95 -15.62 -15.37
CA ALA A 292 -0.85 -16.79 -14.49
C ALA A 292 -1.18 -18.07 -15.28
N SER A 293 -2.25 -17.98 -16.05
CA SER A 293 -2.73 -19.11 -16.85
C SER A 293 -1.61 -19.67 -17.75
N ASN A 294 -0.89 -18.77 -18.42
CA ASN A 294 0.21 -19.14 -19.33
C ASN A 294 1.36 -19.79 -18.59
N ASN A 295 1.35 -19.63 -17.28
CA ASN A 295 2.37 -20.19 -16.42
C ASN A 295 1.91 -21.28 -15.48
N GLY A 296 0.73 -21.84 -15.76
CA GLY A 296 0.20 -22.95 -14.99
C GLY A 296 -0.30 -22.63 -13.60
N ILE A 297 -0.59 -21.35 -13.35
CA ILE A 297 -1.03 -20.86 -12.03
C ILE A 297 -2.52 -20.51 -12.11
N PHE A 298 -3.26 -20.87 -11.07
CA PHE A 298 -4.70 -20.58 -11.02
C PHE A 298 -4.98 -19.36 -10.15
N ILE A 299 -6.17 -18.82 -10.31
CA ILE A 299 -6.61 -17.64 -9.55
C ILE A 299 -7.85 -17.98 -8.72
N SER A 300 -7.78 -17.71 -7.42
CA SER A 300 -8.91 -17.93 -6.55
C SER A 300 -9.09 -16.60 -5.85
N PRO A 301 -9.96 -15.72 -6.37
CA PRO A 301 -10.04 -14.43 -5.69
C PRO A 301 -10.43 -14.51 -4.22
N HIS A 302 -9.81 -13.66 -3.41
CA HIS A 302 -10.09 -13.59 -2.00
C HIS A 302 -11.32 -12.68 -1.96
N CYS A 303 -12.22 -12.91 -1.01
CA CYS A 303 -13.43 -12.08 -0.95
C CYS A 303 -13.90 -11.91 0.49
N TRP A 304 -13.08 -11.27 1.32
CA TRP A 304 -13.50 -10.94 2.66
C TRP A 304 -14.14 -9.54 2.57
N ASN A 305 -15.37 -9.54 2.10
CA ASN A 305 -16.11 -8.32 1.70
C ASN A 305 -17.58 -8.68 1.91
N SER A 306 -18.49 -7.77 1.55
CA SER A 306 -19.91 -8.18 1.57
C SER A 306 -20.17 -9.25 0.53
N MET A 307 -21.26 -10.00 0.72
CA MET A 307 -21.63 -11.00 -0.28
C MET A 307 -22.59 -10.39 -1.32
N SER A 308 -22.55 -9.06 -1.46
CA SER A 308 -23.35 -8.35 -2.44
C SER A 308 -22.46 -7.94 -3.62
N VAL A 309 -21.97 -6.70 -3.63
CA VAL A 309 -21.27 -6.13 -4.80
C VAL A 309 -19.94 -6.85 -5.09
N SER A 310 -19.08 -6.96 -4.08
CA SER A 310 -17.81 -7.71 -4.24
C SER A 310 -18.04 -9.15 -4.70
N ALA A 311 -18.97 -9.86 -4.06
CA ALA A 311 -19.21 -11.26 -4.47
C ALA A 311 -19.66 -11.33 -5.93
N SER A 312 -20.54 -10.43 -6.36
CA SER A 312 -20.99 -10.47 -7.75
C SER A 312 -19.86 -10.22 -8.74
N ALA A 313 -19.02 -9.23 -8.47
CA ALA A 313 -17.85 -8.97 -9.31
C ALA A 313 -16.95 -10.22 -9.37
N MET A 314 -16.73 -10.83 -8.22
CA MET A 314 -15.88 -12.01 -8.16
C MET A 314 -16.45 -13.12 -9.05
N LEU A 315 -17.73 -13.40 -8.89
CA LEU A 315 -18.36 -14.47 -9.67
C LEU A 315 -18.29 -14.19 -11.17
N HIS A 316 -18.56 -12.94 -11.55
CA HIS A 316 -18.46 -12.58 -12.98
C HIS A 316 -17.01 -12.77 -13.50
N VAL A 317 -16.02 -12.36 -12.72
CA VAL A 317 -14.64 -12.55 -13.14
C VAL A 317 -14.32 -14.04 -13.25
N CYS A 318 -14.66 -14.80 -12.22
CA CYS A 318 -14.35 -16.24 -12.19
C CYS A 318 -14.98 -17.00 -13.35
N SER A 319 -16.20 -16.60 -13.72
CA SER A 319 -16.91 -17.23 -14.83
C SER A 319 -16.29 -16.95 -16.20
N SER A 320 -15.39 -15.96 -16.23
CA SER A 320 -14.86 -15.44 -17.48
CA SER A 320 -14.84 -15.38 -17.46
C SER A 320 -13.41 -15.83 -17.72
N ILE A 321 -12.78 -16.50 -16.76
CA ILE A 321 -11.36 -16.92 -16.95
C ILE A 321 -11.21 -18.45 -16.98
N PRO A 322 -10.27 -18.98 -17.80
CA PRO A 322 -10.11 -20.44 -17.92
C PRO A 322 -9.35 -21.06 -16.75
N ASN A 323 -8.65 -20.23 -15.97
CA ASN A 323 -7.83 -20.73 -14.84
C ASN A 323 -8.32 -20.29 -13.45
N SER A 324 -9.64 -20.21 -13.28
CA SER A 324 -10.21 -19.92 -11.99
CA SER A 324 -10.20 -19.92 -11.98
C SER A 324 -10.10 -21.15 -11.09
N GLU A 325 -9.79 -20.94 -9.81
CA GLU A 325 -9.97 -21.97 -8.81
C GLU A 325 -11.29 -21.66 -8.14
N LYS A 326 -11.64 -22.41 -7.11
CA LYS A 326 -12.87 -22.18 -6.37
C LYS A 326 -12.87 -20.78 -5.73
N ALA A 327 -14.03 -20.13 -5.81
CA ALA A 327 -14.23 -18.76 -5.37
C ALA A 327 -14.68 -18.69 -3.93
N GLU A 328 -14.17 -17.71 -3.17
CA GLU A 328 -14.35 -17.69 -1.73
C GLU A 328 -15.71 -17.09 -1.31
N ILE A 329 -16.44 -17.80 -0.46
CA ILE A 329 -17.66 -17.24 0.16
C ILE A 329 -17.57 -17.33 1.68
N PHE A 330 -18.18 -16.37 2.37
CA PHE A 330 -18.35 -16.39 3.82
C PHE A 330 -19.82 -16.67 4.03
N PRO A 331 -20.17 -17.93 4.32
CA PRO A 331 -21.58 -18.25 4.41
C PRO A 331 -22.32 -17.38 5.43
N ASP A 332 -21.64 -17.00 6.52
CA ASP A 332 -22.29 -16.21 7.59
C ASP A 332 -22.58 -14.77 7.19
N TYR A 333 -22.00 -14.32 6.08
CA TYR A 333 -22.27 -12.99 5.52
C TYR A 333 -23.43 -13.01 4.52
N ILE A 334 -23.93 -14.20 4.18
CA ILE A 334 -24.97 -14.27 3.15
C ILE A 334 -26.29 -13.62 3.59
N ASN A 335 -26.85 -14.05 4.71
CA ASN A 335 -28.15 -13.47 5.08
C ASN A 335 -28.01 -12.04 5.59
N PHE A 336 -26.86 -11.73 6.19
CA PHE A 336 -26.60 -10.33 6.49
C PHE A 336 -26.72 -9.46 5.22
N SER A 337 -26.06 -9.90 4.15
CA SER A 337 -26.04 -9.14 2.91
C SER A 337 -27.43 -9.10 2.30
N LYS A 338 -28.18 -10.19 2.50
CA LYS A 338 -29.56 -10.26 2.01
C LYS A 338 -30.48 -9.21 2.64
N LYS A 339 -30.09 -8.70 3.80
CA LYS A 339 -30.87 -7.63 4.45
C LYS A 339 -31.04 -6.41 3.55
N PHE A 340 -30.01 -6.09 2.77
CA PHE A 340 -30.07 -4.88 1.94
C PHE A 340 -29.93 -5.16 0.44
N CYS A 341 -29.62 -6.40 0.05
CA CYS A 341 -29.38 -6.69 -1.38
C CYS A 341 -30.16 -7.93 -1.78
N GLU A 342 -30.89 -7.84 -2.88
CA GLU A 342 -31.48 -9.04 -3.50
C GLU A 342 -30.37 -9.67 -4.32
N LEU A 343 -29.65 -10.61 -3.70
CA LEU A 343 -28.37 -11.07 -4.27
C LEU A 343 -28.49 -11.57 -5.69
N PRO A 344 -27.52 -11.21 -6.56
CA PRO A 344 -27.63 -11.57 -7.98
C PRO A 344 -27.10 -12.99 -8.31
N PHE A 345 -27.03 -13.85 -7.31
CA PHE A 345 -26.63 -15.22 -7.51
C PHE A 345 -27.34 -16.10 -6.49
N ASP A 346 -27.41 -17.40 -6.78
CA ASP A 346 -27.91 -18.41 -5.86
C ASP A 346 -26.80 -19.42 -5.64
N ILE A 347 -26.49 -19.73 -4.38
CA ILE A 347 -25.53 -20.79 -4.06
C ILE A 347 -26.36 -22.06 -4.07
N ILE A 348 -26.01 -22.98 -4.97
CA ILE A 348 -26.66 -24.30 -5.04
C ILE A 348 -25.60 -25.39 -4.86
N ASP A 349 -25.57 -26.04 -3.70
CA ASP A 349 -24.50 -26.95 -3.34
C ASP A 349 -23.14 -26.27 -3.55
N ASN A 350 -22.34 -26.81 -4.46
CA ASN A 350 -20.95 -26.40 -4.64
C ASN A 350 -20.68 -25.26 -5.61
N LYS A 351 -21.73 -24.64 -6.15
CA LYS A 351 -21.59 -23.68 -7.23
C LYS A 351 -22.50 -22.49 -7.02
N ALA A 352 -21.99 -21.28 -7.26
CA ALA A 352 -22.83 -20.10 -7.27
C ALA A 352 -23.33 -19.88 -8.68
N HIS A 353 -24.65 -19.71 -8.84
CA HIS A 353 -25.20 -19.47 -10.17
CA HIS A 353 -25.21 -19.48 -10.16
C HIS A 353 -25.49 -18.00 -10.37
N ILE A 354 -24.83 -17.41 -11.37
CA ILE A 354 -24.90 -15.97 -11.65
C ILE A 354 -26.18 -15.68 -12.39
N ASN A 355 -26.86 -14.59 -12.05
CA ASN A 355 -28.01 -14.27 -12.86
C ASN A 355 -27.62 -13.54 -14.15
N LYS A 356 -28.60 -13.30 -14.99
CA LYS A 356 -28.39 -12.82 -16.33
C LYS A 356 -28.68 -11.30 -16.45
N SER A 357 -28.79 -10.60 -15.33
CA SER A 357 -29.08 -9.16 -15.35
C SER A 357 -27.87 -8.38 -15.86
N ALA A 358 -28.10 -7.16 -16.32
CA ALA A 358 -27.04 -6.32 -16.84
C ALA A 358 -26.00 -5.98 -15.75
N GLY A 359 -24.75 -5.84 -16.18
CA GLY A 359 -23.64 -5.46 -15.27
C GLY A 359 -23.52 -6.47 -14.14
N LEU A 360 -23.48 -6.00 -12.90
CA LEU A 360 -23.36 -6.88 -11.74
C LEU A 360 -24.70 -7.34 -11.19
N GLY A 361 -25.79 -6.83 -11.76
CA GLY A 361 -27.11 -7.30 -11.35
C GLY A 361 -27.48 -6.89 -9.94
N ILE A 362 -26.93 -5.77 -9.46
CA ILE A 362 -27.13 -5.33 -8.08
C ILE A 362 -28.51 -4.67 -7.91
N VAL A 363 -29.25 -5.14 -6.93
CA VAL A 363 -30.49 -4.53 -6.50
C VAL A 363 -30.36 -4.29 -5.02
N ILE A 364 -30.14 -3.05 -4.62
CA ILE A 364 -29.92 -2.72 -3.20
C ILE A 364 -30.99 -1.76 -2.70
N HIS A 365 -31.49 -2.04 -1.50
CA HIS A 365 -32.45 -1.20 -0.82
C HIS A 365 -31.65 -0.20 0.01
N GLU A 366 -31.48 0.99 -0.55
CA GLU A 366 -30.54 1.96 0.01
C GLU A 366 -30.93 2.44 1.41
N ASP A 367 -32.23 2.45 1.70
CA ASP A 367 -32.64 2.91 3.03
C ASP A 367 -32.23 1.90 4.10
N ILE A 368 -32.26 0.61 3.76
CA ILE A 368 -31.78 -0.43 4.67
C ILE A 368 -30.24 -0.38 4.83
N LEU A 369 -29.55 -0.23 3.71
CA LEU A 369 -28.10 -0.07 3.72
C LEU A 369 -27.70 1.14 4.58
N SER A 370 -28.41 2.26 4.42
CA SER A 370 -28.15 3.42 5.27
C SER A 370 -28.36 3.11 6.75
N GLU A 371 -29.41 2.34 7.07
CA GLU A 371 -29.75 2.08 8.47
C GLU A 371 -28.62 1.29 9.11
N LEU A 372 -27.99 0.44 8.30
CA LEU A 372 -26.91 -0.44 8.74
C LEU A 372 -25.55 0.25 8.76
N SER A 373 -25.52 1.53 8.35
CA SER A 373 -24.25 2.25 8.18
C SER A 373 -23.90 3.17 9.32
N ILE A 374 -22.60 3.24 9.60
CA ILE A 374 -22.00 4.08 10.63
C ILE A 374 -21.56 5.42 9.99
N TYR A 375 -21.31 5.41 8.68
CA TYR A 375 -20.84 6.59 7.97
CA TYR A 375 -20.80 6.58 7.96
C TYR A 375 -21.35 6.58 6.55
N SER A 376 -21.58 7.74 5.99
CA SER A 376 -21.99 7.83 4.59
C SER A 376 -21.61 9.17 3.99
N LEU A 377 -21.46 9.19 2.68
CA LEU A 377 -21.00 10.37 1.99
C LEU A 377 -21.88 10.48 0.77
N ASP A 378 -22.33 11.70 0.47
CA ASP A 378 -23.11 11.99 -0.73
C ASP A 378 -22.51 13.22 -1.39
N GLU A 379 -22.02 13.03 -2.62
CA GLU A 379 -21.18 13.97 -3.32
C GLU A 379 -21.71 14.22 -4.74
N LYS A 380 -21.74 15.48 -5.15
CA LYS A 380 -22.14 15.85 -6.51
C LYS A 380 -20.92 16.32 -7.30
N GLN B 6 12.98 4.46 23.37
CA GLN B 6 11.77 3.84 22.70
C GLN B 6 10.81 3.16 23.68
N ASP B 7 11.30 2.87 24.88
CA ASP B 7 10.48 2.33 25.95
C ASP B 7 10.11 3.44 26.93
N ILE B 8 10.56 4.66 26.65
CA ILE B 8 10.25 5.86 27.43
C ILE B 8 8.73 6.02 27.59
N SER B 9 8.24 6.12 28.83
CA SER B 9 6.84 6.36 29.05
C SER B 9 6.49 7.81 28.69
N ILE B 10 5.57 7.95 27.74
CA ILE B 10 5.10 9.24 27.27
C ILE B 10 3.84 9.69 28.03
N GLY B 11 3.06 8.73 28.49
CA GLY B 11 1.80 9.03 29.18
C GLY B 11 0.63 8.92 28.24
N LYS B 12 -0.43 9.72 28.47
CA LYS B 12 -1.62 9.70 27.62
C LYS B 12 -1.54 10.88 26.64
N LEU B 13 -2.11 10.72 25.45
CA LEU B 13 -2.11 11.83 24.49
C LEU B 13 -3.40 12.64 24.68
N SER B 14 -3.30 13.96 24.57
CA SER B 14 -4.45 14.81 24.82
C SER B 14 -4.98 15.54 23.59
N ARG B 15 -4.11 15.90 22.65
CA ARG B 15 -4.54 16.73 21.50
C ARG B 15 -3.79 16.38 20.23
N LEU B 16 -4.50 16.53 19.10
CA LEU B 16 -3.93 16.35 17.78
C LEU B 16 -4.32 17.54 16.88
N LYS B 17 -3.32 18.12 16.24
CA LYS B 17 -3.55 19.10 15.19
CA LYS B 17 -3.51 19.13 15.20
C LYS B 17 -2.89 18.62 13.90
N ILE B 18 -3.59 18.77 12.78
CA ILE B 18 -3.05 18.42 11.47
C ILE B 18 -3.24 19.63 10.57
N TRP B 19 -2.19 19.94 9.82
CA TRP B 19 -2.29 20.93 8.77
C TRP B 19 -1.97 20.25 7.45
N ILE B 20 -2.72 20.58 6.39
CA ILE B 20 -2.28 20.26 5.03
C ILE B 20 -2.06 21.55 4.28
N THR B 21 -0.81 21.81 3.88
CA THR B 21 -0.45 23.09 3.29
C THR B 21 -0.92 23.11 1.86
N ASP B 22 -1.34 24.27 1.38
CA ASP B 22 -1.66 24.39 -0.04
C ASP B 22 -0.37 24.43 -0.87
N ASN B 23 -0.48 24.06 -2.14
CA ASN B 23 0.63 24.25 -3.08
C ASN B 23 1.02 25.74 -3.16
N HIS B 24 2.31 26.01 -3.25
CA HIS B 24 2.84 27.36 -3.22
C HIS B 24 3.91 27.48 -4.29
N LEU B 25 3.75 28.46 -5.18
CA LEU B 25 4.75 28.70 -6.21
C LEU B 25 5.96 29.45 -5.63
N SER B 26 7.16 28.90 -5.83
CA SER B 26 8.39 29.57 -5.40
C SER B 26 8.60 30.97 -6.01
N ASP B 27 9.34 31.80 -5.29
CA ASP B 27 9.58 33.19 -5.70
C ASP B 27 10.26 33.29 -7.07
N ASP B 28 11.19 32.38 -7.35
CA ASP B 28 11.86 32.32 -8.66
C ASP B 28 11.07 31.59 -9.74
N GLN B 29 9.86 31.13 -9.37
CA GLN B 29 8.91 30.44 -10.26
C GLN B 29 9.42 29.08 -10.77
N TRP B 30 10.36 28.49 -10.05
CA TRP B 30 10.90 27.20 -10.44
C TRP B 30 9.87 26.07 -10.30
N SER B 31 9.16 26.02 -9.18
CA SER B 31 8.29 24.88 -8.91
C SER B 31 7.21 25.25 -7.91
N ASN B 32 6.16 24.46 -7.86
CA ASN B 32 5.19 24.55 -6.78
C ASN B 32 5.54 23.54 -5.67
N THR B 33 5.41 23.92 -4.41
CA THR B 33 5.51 22.89 -3.35
C THR B 33 4.33 21.93 -3.49
N LYS B 34 4.57 20.65 -3.20
CA LYS B 34 3.48 19.72 -2.93
C LYS B 34 2.74 20.15 -1.68
N LYS B 35 1.58 19.54 -1.44
CA LYS B 35 0.84 19.78 -0.21
C LYS B 35 1.59 18.95 0.84
N PHE B 36 1.91 19.57 1.96
CA PHE B 36 2.59 18.87 3.06
C PHE B 36 1.57 18.51 4.12
N ILE B 37 1.80 17.40 4.83
CA ILE B 37 0.88 17.02 5.89
C ILE B 37 1.72 17.05 7.17
N ILE B 38 1.46 18.04 8.02
CA ILE B 38 2.26 18.27 9.23
C ILE B 38 1.36 18.13 10.43
N ILE B 39 1.81 17.45 11.48
CA ILE B 39 1.00 17.21 12.68
C ILE B 39 1.70 17.68 13.98
N LYS B 40 0.90 18.07 14.95
CA LYS B 40 1.41 18.33 16.29
C LYS B 40 0.56 17.55 17.30
N ILE B 41 1.23 16.74 18.12
CA ILE B 41 0.53 15.96 19.14
C ILE B 41 0.97 16.52 20.49
N THR B 42 0.03 16.66 21.43
CA THR B 42 0.32 17.18 22.77
C THR B 42 -0.12 16.12 23.78
N THR B 43 0.76 15.81 24.74
CA THR B 43 0.44 14.78 25.72
C THR B 43 -0.39 15.40 26.87
N GLU B 44 -1.02 14.56 27.69
CA GLU B 44 -1.74 15.01 28.91
CA GLU B 44 -1.75 15.05 28.86
C GLU B 44 -0.89 15.94 29.78
N ASP B 45 0.42 15.69 29.79
CA ASP B 45 1.38 16.48 30.55
C ASP B 45 1.83 17.77 29.85
N GLY B 46 1.31 18.02 28.65
CA GLY B 46 1.60 19.25 27.94
C GLY B 46 2.82 19.23 27.03
N ILE B 47 3.43 18.06 26.81
CA ILE B 47 4.61 17.97 25.94
C ILE B 47 4.14 17.89 24.50
N GLU B 48 4.73 18.70 23.62
CA GLU B 48 4.37 18.75 22.19
C GLU B 48 5.39 17.97 21.36
N GLY B 49 4.91 17.19 20.39
CA GLY B 49 5.82 16.57 19.43
C GLY B 49 5.27 16.83 18.04
N TRP B 50 6.16 17.06 17.07
CA TRP B 50 5.82 17.33 15.68
C TRP B 50 6.14 16.14 14.80
N GLY B 51 5.26 15.87 13.85
CA GLY B 51 5.47 14.78 12.91
C GLY B 51 5.09 15.28 11.52
N GLU B 52 5.44 14.49 10.51
CA GLU B 52 5.08 14.86 9.14
C GLU B 52 4.90 13.52 8.40
N ALA B 53 3.87 13.49 7.57
CA ALA B 53 3.47 12.33 6.77
C ALA B 53 3.91 12.56 5.33
N PHE B 54 4.39 11.51 4.69
CA PHE B 54 4.70 11.64 3.27
C PHE B 54 3.39 11.80 2.52
N SER B 55 3.28 12.90 1.81
CA SER B 55 2.03 13.27 1.19
C SER B 55 1.96 12.77 -0.24
N ILE B 56 0.82 12.25 -0.63
CA ILE B 56 0.62 11.64 -1.95
C ILE B 56 -0.61 12.29 -2.59
N ASN B 57 -0.47 12.69 -3.86
CA ASN B 57 -1.51 13.43 -4.60
C ASN B 57 -2.84 12.70 -4.55
N PHE B 58 -3.87 13.42 -4.10
CA PHE B 58 -5.27 12.94 -3.99
C PHE B 58 -5.54 12.08 -2.76
N ARG B 59 -4.50 11.87 -1.96
CA ARG B 59 -4.64 11.02 -0.79
C ARG B 59 -4.30 11.75 0.51
N GLU B 60 -3.96 13.03 0.41
CA GLU B 60 -3.58 13.80 1.60
C GLU B 60 -4.65 13.83 2.68
N LYS B 61 -5.91 14.10 2.28
CA LYS B 61 -7.01 14.10 3.27
C LYS B 61 -7.26 12.69 3.83
N GLY B 62 -7.13 11.70 2.97
CA GLY B 62 -7.30 10.32 3.38
C GLY B 62 -6.21 9.93 4.38
N ILE B 63 -4.99 10.38 4.14
CA ILE B 63 -3.91 10.10 5.11
C ILE B 63 -4.20 10.78 6.45
N ALA B 64 -4.70 12.02 6.36
CA ALA B 64 -4.95 12.82 7.54
C ALA B 64 -6.05 12.17 8.39
N ILE B 65 -7.06 11.62 7.71
CA ILE B 65 -8.17 10.92 8.37
C ILE B 65 -7.67 9.64 9.08
N ILE B 66 -6.79 8.91 8.40
CA ILE B 66 -6.18 7.73 9.01
C ILE B 66 -5.43 8.14 10.29
N ILE B 67 -4.57 9.16 10.21
CA ILE B 67 -3.88 9.68 11.39
C ILE B 67 -4.87 10.00 12.51
N LYS B 68 -5.97 10.68 12.21
CA LYS B 68 -6.95 11.01 13.23
C LYS B 68 -7.58 9.75 13.87
N GLU B 69 -7.95 8.77 13.04
CA GLU B 69 -8.49 7.50 13.55
C GLU B 69 -7.50 6.73 14.47
N LEU B 70 -6.25 6.63 14.02
CA LEU B 70 -5.19 6.02 14.85
C LEU B 70 -4.98 6.77 16.15
N PHE B 71 -4.93 8.11 16.06
CA PHE B 71 -4.80 8.94 17.26
C PHE B 71 -5.91 8.61 18.27
N ARG B 72 -7.15 8.59 17.79
CA ARG B 72 -8.27 8.25 18.67
C ARG B 72 -8.07 6.92 19.42
N GLU B 73 -7.56 5.93 18.69
CA GLU B 73 -7.36 4.60 19.21
C GLU B 73 -6.22 4.55 20.23
N ILE B 74 -5.19 5.35 20.05
CA ILE B 74 -4.03 5.25 20.94
C ILE B 74 -4.08 6.27 22.07
N SER B 75 -4.97 7.26 21.97
CA SER B 75 -4.93 8.44 22.86
C SER B 75 -5.32 8.17 24.32
N ASN B 76 -6.04 7.09 24.58
CA ASN B 76 -6.37 6.80 25.99
C ASN B 76 -5.51 5.70 26.61
N ILE B 77 -4.50 5.25 25.87
CA ILE B 77 -3.48 4.37 26.45
C ILE B 77 -2.61 5.13 27.47
N PRO B 78 -2.73 4.75 28.76
CA PRO B 78 -2.12 5.54 29.83
C PRO B 78 -0.59 5.44 29.88
N ASN B 79 -0.01 4.36 29.36
CA ASN B 79 1.45 4.23 29.40
C ASN B 79 2.00 4.19 27.98
N LEU B 80 1.53 5.08 27.11
CA LEU B 80 2.04 5.03 25.76
C LEU B 80 3.56 5.22 25.71
N SER B 81 4.22 4.43 24.85
CA SER B 81 5.62 4.62 24.51
C SER B 81 5.75 4.46 22.99
N ILE B 82 6.90 4.83 22.44
CA ILE B 82 7.15 4.63 21.02
C ILE B 82 6.94 3.14 20.73
N LYS B 83 7.55 2.28 21.55
CA LYS B 83 7.45 0.84 21.29
C LYS B 83 6.03 0.30 21.38
N SER B 84 5.28 0.73 22.38
CA SER B 84 3.93 0.21 22.52
C SER B 84 3.01 0.73 21.42
N PHE B 85 3.27 1.94 20.92
CA PHE B 85 2.57 2.44 19.74
C PHE B 85 2.86 1.52 18.55
N TYR B 86 4.14 1.30 18.29
CA TYR B 86 4.60 0.37 17.23
C TYR B 86 3.92 -1.00 17.32
N ASN B 87 3.92 -1.59 18.51
CA ASN B 87 3.27 -2.89 18.68
C ASN B 87 1.75 -2.87 18.43
N LYS B 88 1.08 -1.81 18.89
CA LYS B 88 -0.36 -1.64 18.63
C LYS B 88 -0.64 -1.56 17.13
N ILE B 89 0.20 -0.83 16.41
CA ILE B 89 0.05 -0.71 14.95
C ILE B 89 0.27 -2.07 14.28
N SER B 90 1.30 -2.79 14.71
CA SER B 90 1.50 -4.13 14.19
C SER B 90 0.23 -4.98 14.31
N LEU B 91 -0.36 -4.99 15.50
CA LEU B 91 -1.60 -5.76 15.74
C LEU B 91 -2.75 -5.29 14.85
N LEU B 92 -3.04 -3.99 14.92
CA LEU B 92 -4.15 -3.39 14.15
C LEU B 92 -4.03 -3.62 12.66
N SER B 93 -2.82 -3.45 12.12
CA SER B 93 -2.59 -3.54 10.67
C SER B 93 -2.76 -4.96 10.11
N ASP B 94 -2.42 -5.96 10.92
CA ASP B 94 -2.66 -7.38 10.56
C ASP B 94 -2.12 -7.68 9.16
N GLY B 95 -0.94 -7.15 8.88
CA GLY B 95 -0.24 -7.42 7.62
C GLY B 95 -0.79 -6.74 6.39
N HIS B 96 -1.71 -5.80 6.58
CA HIS B 96 -2.26 -4.99 5.47
C HIS B 96 -1.44 -3.73 5.41
N ARG B 97 -0.66 -3.62 4.36
CA ARG B 97 0.34 -2.58 4.27
C ARG B 97 0.08 -1.71 3.06
N GLY B 98 0.53 -0.48 3.13
CA GLY B 98 0.51 0.37 1.92
C GLY B 98 1.11 1.71 2.25
N LEU B 99 1.45 2.51 1.23
CA LEU B 99 2.14 3.79 1.50
C LEU B 99 1.31 4.79 2.25
N ASP B 100 0.01 4.85 1.95
CA ASP B 100 -0.85 5.79 2.67
C ASP B 100 -0.87 5.51 4.18
N PHE B 101 -1.04 4.24 4.53
CA PHE B 101 -1.07 3.84 5.92
C PHE B 101 0.29 4.06 6.59
N SER B 102 1.36 3.69 5.89
CA SER B 102 2.73 3.86 6.41
C SER B 102 3.05 5.34 6.61
N SER B 103 2.55 6.20 5.73
CA SER B 103 2.75 7.66 5.93
C SER B 103 2.04 8.13 7.20
N ALA B 104 0.82 7.66 7.43
CA ALA B 104 0.07 8.06 8.61
C ALA B 104 0.81 7.63 9.89
N THR B 105 1.30 6.39 9.90
CA THR B 105 1.93 5.90 11.12
C THR B 105 3.28 6.60 11.32
N SER B 106 3.97 6.94 10.23
CA SER B 106 5.24 7.68 10.32
C SER B 106 5.04 9.01 11.01
N ALA B 107 3.97 9.72 10.65
CA ALA B 107 3.77 11.04 11.24
C ALA B 107 3.58 10.92 12.76
N ILE B 108 2.75 9.96 13.17
CA ILE B 108 2.51 9.77 14.59
C ILE B 108 3.81 9.32 15.26
N GLU B 109 4.53 8.37 14.65
CA GLU B 109 5.72 7.85 15.37
C GLU B 109 6.77 8.94 15.50
N ILE B 110 6.92 9.75 14.44
CA ILE B 110 7.92 10.80 14.50
C ILE B 110 7.61 11.77 15.62
N ALA B 111 6.32 12.10 15.79
CA ALA B 111 5.90 12.99 16.87
C ALA B 111 6.23 12.41 18.24
N LEU B 112 6.07 11.11 18.38
CA LEU B 112 6.39 10.41 19.64
C LEU B 112 7.89 10.43 19.94
N TRP B 113 8.69 10.33 18.88
CA TRP B 113 10.14 10.50 19.05
C TRP B 113 10.47 11.90 19.51
N ASP B 114 9.82 12.91 18.93
CA ASP B 114 10.09 14.31 19.30
C ASP B 114 9.74 14.49 20.78
N ILE B 115 8.57 13.99 21.19
CA ILE B 115 8.16 14.05 22.60
C ILE B 115 9.16 13.31 23.51
N SER B 116 9.64 12.15 23.08
CA SER B 116 10.58 11.37 23.88
C SER B 116 11.88 12.13 24.09
N GLY B 117 12.34 12.82 23.03
CA GLY B 117 13.52 13.68 23.12
C GLY B 117 13.35 14.77 24.17
N LYS B 118 12.21 15.41 24.11
CA LYS B 118 11.87 16.45 25.06
C LYS B 118 11.86 15.93 26.48
N LEU B 119 11.34 14.72 26.67
CA LEU B 119 11.31 14.08 28.01
C LEU B 119 12.70 13.76 28.59
N LYS B 120 13.64 13.42 27.72
CA LYS B 120 15.01 13.11 28.10
C LYS B 120 15.96 14.29 27.98
N ASN B 121 15.44 15.44 27.54
CA ASN B 121 16.26 16.60 27.25
C ASN B 121 17.41 16.29 26.28
N LEU B 122 17.08 15.56 25.21
CA LEU B 122 18.10 15.13 24.26
C LEU B 122 17.64 15.33 22.83
N PRO B 123 18.56 15.74 21.95
CA PRO B 123 18.22 15.80 20.54
C PRO B 123 17.96 14.40 20.07
N LEU B 124 17.14 14.25 19.03
CA LEU B 124 16.78 12.92 18.57
C LEU B 124 18.02 12.07 18.27
N ASN B 125 19.01 12.63 17.60
CA ASN B 125 20.20 11.83 17.25
C ASN B 125 20.91 11.23 18.48
N SER B 126 20.91 11.97 19.60
CA SER B 126 21.43 11.45 20.87
C SER B 126 20.59 10.34 21.50
N LEU B 127 19.30 10.29 21.16
CA LEU B 127 18.44 9.15 21.57
C LEU B 127 18.77 7.89 20.78
N LEU B 128 19.29 8.09 19.57
CA LEU B 128 19.48 7.00 18.63
C LEU B 128 20.84 6.34 18.76
N THR B 129 21.86 7.14 19.12
CA THR B 129 23.21 6.63 19.31
C THR B 129 23.96 7.47 20.34
N LYS B 130 25.00 6.89 20.94
CA LYS B 130 25.78 7.59 21.96
C LYS B 130 26.50 8.79 21.37
N SER B 131 27.14 8.60 20.23
CA SER B 131 27.97 9.65 19.66
C SER B 131 27.60 10.01 18.23
N PRO B 132 26.52 10.79 18.06
CA PRO B 132 26.09 11.09 16.70
C PRO B 132 27.02 12.06 15.97
N LYS B 133 26.98 12.04 14.65
CA LYS B 133 27.77 12.96 13.82
C LYS B 133 27.13 14.34 13.81
N PRO B 134 27.95 15.39 13.98
CA PRO B 134 27.35 16.71 14.14
C PRO B 134 26.93 17.34 12.80
N ASN B 135 27.51 16.84 11.71
CA ASN B 135 27.27 17.37 10.38
C ASN B 135 26.84 16.25 9.40
N VAL B 136 25.88 16.54 8.56
CA VAL B 136 25.29 15.48 7.74
C VAL B 136 25.49 15.83 6.28
N PRO B 137 26.28 15.02 5.54
CA PRO B 137 26.42 15.24 4.11
C PRO B 137 25.06 15.24 3.41
N ILE B 138 24.85 16.22 2.53
CA ILE B 138 23.57 16.37 1.80
C ILE B 138 23.80 16.41 0.29
N TYR B 139 22.75 16.15 -0.46
CA TYR B 139 22.75 16.42 -1.89
C TYR B 139 21.47 17.14 -2.27
N ALA B 140 21.47 17.78 -3.43
CA ALA B 140 20.29 18.53 -3.83
C ALA B 140 19.58 17.88 -4.99
N THR B 141 18.27 17.72 -4.87
CA THR B 141 17.49 17.20 -5.98
C THR B 141 16.98 18.33 -6.89
N CYS B 142 17.21 18.17 -8.20
CA CYS B 142 16.74 19.18 -9.17
C CYS B 142 15.53 18.68 -9.94
N TRP B 143 14.34 19.13 -9.55
CA TRP B 143 13.12 18.61 -10.15
C TRP B 143 12.08 19.66 -10.00
N SER B 144 11.21 19.74 -11.00
CA SER B 144 10.05 20.61 -10.93
C SER B 144 8.78 19.90 -11.41
N ASP B 145 7.65 20.30 -10.85
CA ASP B 145 6.33 19.79 -11.24
C ASP B 145 5.87 20.43 -12.55
N LEU B 146 6.51 21.55 -12.89
CA LEU B 146 6.18 22.33 -14.09
C LEU B 146 7.01 21.90 -15.30
N LYS B 147 6.45 22.11 -16.50
CA LYS B 147 7.16 21.78 -17.74
C LYS B 147 8.35 22.71 -17.91
N LYS B 148 9.50 22.13 -18.22
CA LYS B 148 10.73 22.88 -18.41
C LYS B 148 11.40 22.41 -19.69
N ASP B 149 12.19 23.27 -20.30
CA ASP B 149 13.07 22.82 -21.37
C ASP B 149 14.42 22.48 -20.75
N THR B 150 15.28 21.84 -21.52
CA THR B 150 16.58 21.43 -21.02
C THR B 150 17.40 22.59 -20.46
N ASN B 151 17.36 23.76 -21.10
CA ASN B 151 18.17 24.88 -20.64
C ASN B 151 17.69 25.44 -19.30
N ASP B 152 16.38 25.37 -19.07
CA ASP B 152 15.78 25.74 -17.77
C ASP B 152 16.42 24.94 -16.65
N TYR B 153 16.47 23.61 -16.84
CA TYR B 153 17.15 22.73 -15.88
C TYR B 153 18.62 23.04 -15.73
N LEU B 154 19.30 23.24 -16.86
CA LEU B 154 20.72 23.53 -16.84
C LEU B 154 21.00 24.79 -16.01
N ARG B 155 20.16 25.81 -16.16
CA ARG B 155 20.30 27.04 -15.35
C ARG B 155 20.11 26.79 -13.86
N GLN B 156 19.13 25.95 -13.51
CA GLN B 156 18.89 25.60 -12.11
C GLN B 156 20.05 24.80 -11.56
N ILE B 157 20.57 23.88 -12.38
CA ILE B 157 21.72 23.05 -12.00
C ILE B 157 22.98 23.90 -11.74
N GLU B 158 23.22 24.91 -12.57
CA GLU B 158 24.39 25.78 -12.35
C GLU B 158 24.30 26.52 -11.00
N LYS B 159 23.10 26.98 -10.68
CA LYS B 159 22.78 27.59 -9.39
C LYS B 159 23.12 26.63 -8.24
N PHE B 160 22.65 25.38 -8.33
CA PHE B 160 22.97 24.37 -7.31
C PHE B 160 24.47 24.17 -7.20
N TYR B 161 25.15 24.12 -8.35
CA TYR B 161 26.58 23.86 -8.37
C TYR B 161 27.33 24.92 -7.53
N GLY B 162 26.89 26.16 -7.63
CA GLY B 162 27.50 27.28 -6.91
C GLY B 162 27.28 27.25 -5.40
N LYS B 163 26.30 26.44 -4.94
CA LYS B 163 26.02 26.31 -3.51
C LYS B 163 26.91 25.27 -2.84
N LYS B 164 27.61 24.46 -3.64
CA LYS B 164 28.59 23.48 -3.11
C LYS B 164 27.92 22.38 -2.28
N TYR B 165 26.74 21.94 -2.72
CA TYR B 165 26.08 20.76 -2.16
C TYR B 165 26.95 19.53 -2.39
N GLY B 166 26.74 18.47 -1.61
CA GLY B 166 27.55 17.26 -1.68
C GLY B 166 27.32 16.44 -2.96
N GLY B 167 26.25 16.77 -3.66
CA GLY B 167 25.91 16.14 -4.94
C GLY B 167 24.66 16.76 -5.51
N ILE B 168 24.31 16.37 -6.73
CA ILE B 168 23.10 16.86 -7.41
C ILE B 168 22.42 15.65 -8.02
N LYS B 169 21.11 15.57 -7.81
CA LYS B 169 20.32 14.50 -8.45
C LYS B 169 19.49 15.06 -9.56
N ILE B 170 19.58 14.43 -10.73
CA ILE B 170 18.80 14.85 -11.88
C ILE B 170 17.93 13.72 -12.44
N TYR B 171 17.05 14.08 -13.34
CA TYR B 171 16.07 13.16 -13.94
C TYR B 171 16.27 13.18 -15.44
N PRO B 172 17.13 12.28 -15.94
CA PRO B 172 17.61 12.35 -17.32
C PRO B 172 16.82 11.59 -18.38
N MET B 173 15.73 10.92 -18.00
CA MET B 173 14.97 10.14 -18.99
C MET B 173 14.06 11.05 -19.77
N LEU B 174 14.51 11.38 -20.98
CA LEU B 174 13.81 12.37 -21.79
C LEU B 174 13.16 11.69 -23.00
N ASP B 175 12.89 12.42 -24.09
CA ASP B 175 12.11 11.87 -25.20
C ASP B 175 12.84 10.77 -25.97
N SER B 176 14.17 10.82 -25.97
CA SER B 176 14.95 9.84 -26.73
C SER B 176 16.25 9.60 -26.03
N LEU B 177 16.90 8.48 -26.38
CA LEU B 177 18.21 8.14 -25.83
C LEU B 177 19.26 9.24 -26.05
N SER B 178 19.41 9.72 -27.29
CA SER B 178 20.45 10.71 -27.59
C SER B 178 20.23 12.01 -26.82
N ILE B 179 18.97 12.42 -26.71
CA ILE B 179 18.60 13.63 -25.92
C ILE B 179 18.87 13.42 -24.43
N SER B 180 18.51 12.26 -23.91
CA SER B 180 18.74 11.93 -22.49
C SER B 180 20.24 11.96 -22.16
N ILE B 181 21.05 11.28 -22.97
CA ILE B 181 22.47 11.25 -22.71
C ILE B 181 23.11 12.64 -22.94
N GLN B 182 22.62 13.38 -23.93
CA GLN B 182 23.16 14.73 -24.15
C GLN B 182 22.91 15.65 -22.93
N PHE B 183 21.77 15.47 -22.28
CA PHE B 183 21.46 16.17 -21.03
C PHE B 183 22.49 15.81 -19.95
N VAL B 184 22.76 14.52 -19.77
CA VAL B 184 23.76 14.08 -18.81
C VAL B 184 25.11 14.74 -19.16
N GLU B 185 25.50 14.70 -20.44
CA GLU B 185 26.77 15.31 -20.85
C GLU B 185 26.85 16.81 -20.51
N LYS B 186 25.78 17.53 -20.85
CA LYS B 186 25.67 18.97 -20.53
C LYS B 186 25.68 19.29 -19.02
N VAL B 187 25.07 18.44 -18.21
CA VAL B 187 25.21 18.61 -16.76
C VAL B 187 26.66 18.40 -16.33
N ARG B 188 27.32 17.40 -16.89
CA ARG B 188 28.71 17.17 -16.56
C ARG B 188 29.60 18.35 -16.97
N GLU B 189 29.19 19.06 -18.01
CA GLU B 189 29.93 20.25 -18.46
C GLU B 189 29.94 21.33 -17.38
N ILE B 190 28.87 21.38 -16.60
CA ILE B 190 28.71 22.32 -15.49
C ILE B 190 29.44 21.85 -14.23
N VAL B 191 29.11 20.66 -13.79
CA VAL B 191 29.55 20.21 -12.46
C VAL B 191 30.93 19.57 -12.44
N GLY B 192 31.44 19.23 -13.62
CA GLY B 192 32.70 18.51 -13.69
C GLY B 192 32.55 17.05 -13.37
N ASP B 193 33.66 16.33 -13.44
CA ASP B 193 33.64 14.89 -13.27
C ASP B 193 33.75 14.44 -11.82
N GLU B 194 34.02 15.39 -10.92
CA GLU B 194 34.24 15.08 -9.51
C GLU B 194 32.93 14.98 -8.73
N LEU B 195 32.00 15.90 -9.00
CA LEU B 195 30.83 16.04 -8.15
C LEU B 195 29.96 14.79 -8.27
N PRO B 196 29.55 14.19 -7.11
CA PRO B 196 28.51 13.16 -7.19
C PRO B 196 27.32 13.64 -8.00
N LEU B 197 27.02 12.90 -9.06
CA LEU B 197 25.88 13.18 -9.90
C LEU B 197 24.97 11.96 -9.84
N MET B 198 23.82 12.14 -9.23
CA MET B 198 22.88 11.04 -9.08
C MET B 198 21.85 11.10 -10.20
N LEU B 199 21.43 9.95 -10.69
CA LEU B 199 20.46 9.90 -11.78
C LEU B 199 19.21 9.18 -11.32
N ASP B 200 18.08 9.86 -11.43
CA ASP B 200 16.79 9.26 -11.06
C ASP B 200 16.03 8.94 -12.34
N LEU B 201 15.94 7.65 -12.64
CA LEU B 201 15.27 7.22 -13.86
C LEU B 201 13.74 7.17 -13.71
N ALA B 202 13.27 7.17 -12.47
CA ALA B 202 11.86 7.26 -12.14
C ALA B 202 11.03 6.16 -12.80
N VAL B 203 11.55 4.94 -12.81
CA VAL B 203 10.81 3.77 -13.34
C VAL B 203 10.34 3.97 -14.80
N PRO B 204 11.29 3.96 -15.75
CA PRO B 204 10.90 4.07 -17.18
C PRO B 204 9.99 2.91 -17.59
N GLU B 205 8.98 3.18 -18.40
CA GLU B 205 8.01 2.16 -18.78
C GLU B 205 8.62 1.09 -19.71
N ASP B 206 9.64 1.46 -20.48
CA ASP B 206 10.26 0.56 -21.47
C ASP B 206 11.63 0.06 -20.98
N LEU B 207 11.70 -1.23 -20.62
CA LEU B 207 12.92 -1.79 -20.07
C LEU B 207 14.12 -1.71 -21.04
N ASP B 208 13.83 -1.85 -22.33
CA ASP B 208 14.89 -1.78 -23.31
C ASP B 208 15.45 -0.38 -23.38
N GLN B 209 14.59 0.62 -23.24
CA GLN B 209 15.06 2.01 -23.22
C GLN B 209 15.97 2.24 -22.00
N THR B 210 15.60 1.67 -20.87
CA THR B 210 16.42 1.76 -19.66
C THR B 210 17.78 1.08 -19.85
N LYS B 211 17.78 -0.09 -20.47
CA LYS B 211 19.03 -0.81 -20.72
C LYS B 211 19.97 -0.03 -21.65
N SER B 212 19.42 0.54 -22.72
CA SER B 212 20.21 1.35 -23.66
C SER B 212 20.82 2.56 -22.95
N PHE B 213 19.99 3.23 -22.15
CA PHE B 213 20.46 4.39 -21.41
C PHE B 213 21.65 4.03 -20.51
N LEU B 214 21.50 2.95 -19.76
CA LEU B 214 22.54 2.57 -18.80
C LEU B 214 23.83 2.13 -19.51
N LYS B 215 23.67 1.52 -20.68
CA LYS B 215 24.80 1.21 -21.54
C LYS B 215 25.53 2.48 -21.98
N GLU B 216 24.77 3.54 -22.25
CA GLU B 216 25.38 4.76 -22.78
C GLU B 216 25.87 5.72 -21.71
N VAL B 217 25.33 5.61 -20.50
CA VAL B 217 25.63 6.62 -19.46
C VAL B 217 26.84 6.31 -18.59
N SER B 218 27.32 5.06 -18.65
CA SER B 218 28.34 4.65 -17.69
C SER B 218 29.61 5.49 -17.84
N SER B 219 29.86 6.04 -19.04
CA SER B 219 31.05 6.86 -19.28
CA SER B 219 31.06 6.85 -19.26
C SER B 219 31.04 8.16 -18.50
N PHE B 220 29.87 8.57 -18.05
CA PHE B 220 29.72 9.81 -17.32
C PHE B 220 29.79 9.58 -15.82
N ASN B 221 30.06 8.34 -15.42
CA ASN B 221 30.31 7.96 -14.02
C ASN B 221 29.23 8.44 -13.04
N PRO B 222 27.96 8.05 -13.27
CA PRO B 222 26.91 8.53 -12.32
C PRO B 222 27.14 7.97 -10.91
N TYR B 223 26.83 8.76 -9.87
CA TYR B 223 27.09 8.35 -8.47
C TYR B 223 26.18 7.20 -8.07
N TRP B 224 24.95 7.30 -8.53
CA TRP B 224 23.98 6.20 -8.41
C TRP B 224 22.88 6.29 -9.46
N ILE B 225 22.16 5.17 -9.63
CA ILE B 225 21.08 5.01 -10.60
C ILE B 225 19.85 4.66 -9.78
N GLU B 226 18.86 5.56 -9.78
CA GLU B 226 17.75 5.40 -8.84
C GLU B 226 16.52 4.94 -9.61
N GLU B 227 15.86 3.92 -9.06
CA GLU B 227 14.63 3.35 -9.65
C GLU B 227 14.72 3.08 -11.17
N PRO B 228 15.68 2.24 -11.58
CA PRO B 228 15.72 1.91 -13.02
C PRO B 228 14.55 1.02 -13.43
N VAL B 229 13.95 0.32 -12.46
CA VAL B 229 12.74 -0.48 -12.67
C VAL B 229 11.90 -0.35 -11.39
N ASP B 230 10.67 -0.84 -11.45
CA ASP B 230 9.75 -0.72 -10.32
C ASP B 230 10.32 -1.45 -9.12
N GLY B 231 10.15 -0.87 -7.94
CA GLY B 231 10.72 -1.43 -6.71
C GLY B 231 10.24 -2.83 -6.35
N GLU B 232 9.11 -3.27 -6.89
CA GLU B 232 8.63 -4.62 -6.60
C GLU B 232 9.11 -5.63 -7.62
N ASN B 233 9.83 -5.14 -8.63
CA ASN B 233 10.39 -6.00 -9.65
C ASN B 233 11.75 -6.44 -9.19
N ILE B 234 11.74 -7.32 -8.20
CA ILE B 234 12.97 -7.71 -7.51
C ILE B 234 13.96 -8.35 -8.47
N SER B 235 13.48 -9.26 -9.31
CA SER B 235 14.35 -9.93 -10.28
C SER B 235 15.07 -9.00 -11.27
N LEU B 236 14.35 -8.02 -11.78
CA LEU B 236 14.98 -7.08 -12.68
C LEU B 236 15.91 -6.11 -11.98
N LEU B 237 15.64 -5.77 -10.72
CA LEU B 237 16.63 -4.99 -9.95
C LEU B 237 17.96 -5.75 -9.81
N THR B 238 17.88 -7.03 -9.44
CA THR B 238 19.08 -7.86 -9.31
C THR B 238 19.82 -7.92 -10.65
N GLU B 239 19.06 -8.13 -11.72
CA GLU B 239 19.64 -8.22 -13.06
C GLU B 239 20.39 -6.94 -13.44
N ILE B 240 19.72 -5.79 -13.30
CA ILE B 240 20.33 -4.47 -13.57
C ILE B 240 21.56 -4.25 -12.72
N LYS B 241 21.41 -4.50 -11.43
CA LYS B 241 22.50 -4.29 -10.50
C LYS B 241 23.70 -5.12 -10.96
N ASN B 242 23.45 -6.38 -11.31
CA ASN B 242 24.50 -7.30 -11.72
C ASN B 242 25.06 -7.11 -13.15
N THR B 243 24.31 -6.44 -14.01
CA THR B 243 24.72 -6.22 -15.41
C THR B 243 25.65 -5.01 -15.58
N PHE B 244 25.34 -3.95 -14.83
CA PHE B 244 26.04 -2.68 -14.96
C PHE B 244 26.85 -2.46 -13.67
N ASN B 245 27.97 -1.74 -13.70
CA ASN B 245 28.72 -1.71 -12.42
C ASN B 245 28.16 -0.67 -11.45
N MET B 246 26.98 -0.11 -11.74
CA MET B 246 26.55 1.15 -11.11
C MET B 246 25.70 0.90 -9.87
N LYS B 247 25.85 1.75 -8.85
CA LYS B 247 25.07 1.58 -7.61
C LYS B 247 23.58 1.78 -7.86
N VAL B 248 22.75 0.83 -7.42
CA VAL B 248 21.30 0.87 -7.70
C VAL B 248 20.55 1.33 -6.43
N VAL B 249 19.64 2.29 -6.58
CA VAL B 249 18.89 2.78 -5.42
C VAL B 249 17.41 2.46 -5.64
N THR B 250 16.77 1.93 -4.59
CA THR B 250 15.34 1.72 -4.63
C THR B 250 14.75 1.85 -3.23
N GLY B 251 13.43 2.02 -3.15
CA GLY B 251 12.75 1.96 -1.85
C GLY B 251 11.77 3.11 -1.58
N GLU B 252 11.97 4.25 -2.20
CA GLU B 252 11.11 5.44 -1.95
C GLU B 252 9.60 5.18 -2.07
N LYS B 253 9.21 4.24 -2.92
CA LYS B 253 7.78 3.97 -3.13
C LYS B 253 7.25 2.76 -2.38
N GLN B 254 8.07 2.17 -1.52
CA GLN B 254 7.66 0.99 -0.75
C GLN B 254 7.83 1.23 0.72
N SER B 255 7.25 0.36 1.53
CA SER B 255 7.37 0.48 2.97
C SER B 255 7.33 -0.91 3.59
N GLY B 256 7.70 -0.99 4.88
CA GLY B 256 7.66 -2.24 5.59
C GLY B 256 8.96 -3.04 5.52
N LEU B 257 9.27 -3.70 6.61
CA LEU B 257 10.52 -4.46 6.69
C LEU B 257 10.59 -5.60 5.70
N VAL B 258 9.49 -6.32 5.50
CA VAL B 258 9.54 -7.55 4.70
C VAL B 258 10.02 -7.27 3.27
N HIS B 259 9.51 -6.20 2.67
CA HIS B 259 9.96 -5.86 1.31
C HIS B 259 11.47 -5.60 1.27
N PHE B 260 11.98 -4.82 2.23
CA PHE B 260 13.37 -4.45 2.18
C PHE B 260 14.26 -5.64 2.53
N ARG B 261 13.74 -6.54 3.35
CA ARG B 261 14.50 -7.77 3.65
C ARG B 261 14.58 -8.66 2.43
N GLU B 262 13.56 -8.64 1.57
CA GLU B 262 13.61 -9.40 0.30
C GLU B 262 14.65 -8.77 -0.65
N LEU B 263 14.74 -7.44 -0.63
CA LEU B 263 15.75 -6.73 -1.45
C LEU B 263 17.15 -7.14 -0.99
N ILE B 264 17.32 -7.27 0.33
CA ILE B 264 18.61 -7.70 0.87
C ILE B 264 18.89 -9.15 0.44
N SER B 265 17.92 -10.04 0.67
CA SER B 265 18.08 -11.45 0.31
C SER B 265 18.48 -11.65 -1.14
N ARG B 266 17.88 -10.86 -2.02
CA ARG B 266 18.09 -11.02 -3.45
C ARG B 266 19.21 -10.14 -4.05
N ASN B 267 19.90 -9.41 -3.20
CA ASN B 267 21.02 -8.55 -3.60
C ASN B 267 20.54 -7.60 -4.70
N ALA B 268 19.39 -6.98 -4.46
CA ALA B 268 18.67 -6.21 -5.49
C ALA B 268 19.07 -4.74 -5.56
N ALA B 269 19.75 -4.26 -4.52
CA ALA B 269 20.14 -2.84 -4.47
C ALA B 269 21.33 -2.60 -3.58
N ASP B 270 22.01 -1.48 -3.83
CA ASP B 270 23.18 -1.03 -3.08
C ASP B 270 22.83 0.04 -2.05
N ILE B 271 21.75 0.78 -2.30
CA ILE B 271 21.33 1.89 -1.42
C ILE B 271 19.80 1.79 -1.33
N PHE B 272 19.24 1.91 -0.11
CA PHE B 272 17.78 2.00 0.03
C PHE B 272 17.39 3.43 0.27
N ASN B 273 16.32 3.92 -0.41
CA ASN B 273 15.88 5.29 -0.15
C ASN B 273 14.41 5.36 0.28
N PRO B 274 14.03 4.62 1.34
CA PRO B 274 12.63 4.76 1.77
C PRO B 274 12.40 6.20 2.22
N ASP B 275 11.17 6.68 2.13
CA ASP B 275 10.97 8.08 2.54
C ASP B 275 10.99 8.17 4.06
N ILE B 276 11.67 9.18 4.59
CA ILE B 276 11.75 9.40 6.03
C ILE B 276 10.36 9.40 6.70
N SER B 277 9.35 9.92 5.97
CA SER B 277 8.00 10.05 6.50
C SER B 277 7.03 9.04 5.88
N GLY B 278 7.61 8.04 5.22
CA GLY B 278 6.84 7.07 4.43
C GLY B 278 7.06 5.61 4.78
N MET B 279 8.18 5.30 5.43
CA MET B 279 8.54 3.87 5.73
C MET B 279 7.57 3.21 6.75
N GLY B 280 7.05 4.01 7.66
CA GLY B 280 6.18 3.50 8.72
C GLY B 280 6.51 4.15 10.06
N GLY B 281 7.77 4.49 10.21
CA GLY B 281 8.26 5.23 11.39
C GLY B 281 9.77 5.07 11.51
N LEU B 282 10.33 5.62 12.56
CA LEU B 282 11.79 5.58 12.72
C LEU B 282 12.32 4.25 13.21
N ILE B 283 11.49 3.51 13.94
CA ILE B 283 11.90 2.18 14.40
C ILE B 283 12.26 1.32 13.18
N ASP B 284 11.41 1.33 12.17
CA ASP B 284 11.67 0.48 10.98
C ASP B 284 12.78 1.07 10.11
N ILE B 285 12.91 2.39 10.07
CA ILE B 285 14.03 3.01 9.35
C ILE B 285 15.36 2.59 9.98
N ILE B 286 15.43 2.62 11.32
CA ILE B 286 16.66 2.24 12.02
C ILE B 286 16.92 0.74 11.90
N GLU B 287 15.88 -0.08 12.00
CA GLU B 287 16.05 -1.50 11.93
C GLU B 287 16.57 -1.89 10.54
N ILE B 288 15.94 -1.36 9.49
CA ILE B 288 16.44 -1.69 8.14
C ILE B 288 17.82 -1.12 7.90
N SER B 289 18.13 0.04 8.52
CA SER B 289 19.47 0.63 8.39
C SER B 289 20.51 -0.35 8.95
N ASN B 290 20.21 -0.94 10.10
CA ASN B 290 21.15 -1.89 10.71
C ASN B 290 21.35 -3.16 9.89
N GLU B 291 20.25 -3.77 9.48
CA GLU B 291 20.29 -4.93 8.59
C GLU B 291 21.01 -4.60 7.30
N ALA B 292 20.71 -3.45 6.68
CA ALA B 292 21.42 -3.02 5.49
C ALA B 292 22.93 -2.94 5.75
N SER B 293 23.31 -2.30 6.86
CA SER B 293 24.74 -2.13 7.17
C SER B 293 25.47 -3.48 7.31
N ASN B 294 24.76 -4.51 7.77
CA ASN B 294 25.35 -5.86 7.87
C ASN B 294 25.49 -6.56 6.52
N ASN B 295 25.04 -5.90 5.46
CA ASN B 295 25.01 -6.49 4.14
C ASN B 295 25.53 -5.52 3.08
N GLY B 296 26.29 -4.53 3.54
CA GLY B 296 27.03 -3.58 2.69
C GLY B 296 26.18 -2.55 1.97
N ILE B 297 24.92 -2.39 2.42
CA ILE B 297 23.97 -1.50 1.79
C ILE B 297 23.90 -0.19 2.61
N PHE B 298 23.81 0.92 1.89
CA PHE B 298 23.75 2.24 2.51
C PHE B 298 22.30 2.77 2.49
N ILE B 299 22.03 3.76 3.34
CA ILE B 299 20.67 4.28 3.47
C ILE B 299 20.71 5.77 3.13
N SER B 300 19.92 6.17 2.12
CA SER B 300 19.83 7.56 1.79
C SER B 300 18.35 7.88 1.84
N PRO B 301 17.84 8.35 3.01
CA PRO B 301 16.39 8.52 3.11
C PRO B 301 15.90 9.50 2.04
N HIS B 302 14.77 9.18 1.42
CA HIS B 302 14.07 10.03 0.46
C HIS B 302 13.35 11.13 1.28
N CYS B 303 13.26 12.34 0.76
CA CYS B 303 12.64 13.40 1.55
C CYS B 303 11.99 14.38 0.62
N TRP B 304 11.00 13.89 -0.09
CA TRP B 304 10.15 14.76 -0.89
C TRP B 304 8.99 15.17 0.03
N ASN B 305 9.33 16.09 0.96
CA ASN B 305 8.45 16.52 2.04
C ASN B 305 8.88 17.95 2.35
N SER B 306 8.36 18.52 3.44
CA SER B 306 8.80 19.87 3.80
C SER B 306 10.22 19.84 4.23
N MET B 307 10.89 20.99 4.20
CA MET B 307 12.22 21.02 4.76
C MET B 307 12.23 21.41 6.24
N SER B 308 11.10 21.16 6.92
CA SER B 308 10.96 21.39 8.34
C SER B 308 11.03 20.07 9.13
N VAL B 309 9.87 19.51 9.48
CA VAL B 309 9.82 18.35 10.35
C VAL B 309 10.48 17.11 9.71
N SER B 310 10.04 16.74 8.51
CA SER B 310 10.65 15.60 7.80
C SER B 310 12.15 15.70 7.67
N ALA B 311 12.62 16.89 7.30
CA ALA B 311 14.04 17.12 7.05
C ALA B 311 14.83 16.94 8.33
N SER B 312 14.31 17.47 9.45
CA SER B 312 14.96 17.29 10.74
C SER B 312 15.03 15.82 11.12
N ALA B 313 13.90 15.12 11.00
CA ALA B 313 13.93 13.67 11.28
C ALA B 313 15.02 12.95 10.48
N MET B 314 15.11 13.21 9.17
CA MET B 314 16.09 12.55 8.29
C MET B 314 17.52 12.88 8.70
N LEU B 315 17.78 14.14 9.00
CA LEU B 315 19.13 14.56 9.38
C LEU B 315 19.57 13.87 10.68
N HIS B 316 18.67 13.83 11.67
CA HIS B 316 18.95 13.07 12.91
C HIS B 316 19.23 11.59 12.69
N VAL B 317 18.42 10.94 11.86
CA VAL B 317 18.67 9.56 11.54
C VAL B 317 20.01 9.39 10.84
N CYS B 318 20.29 10.19 9.83
CA CYS B 318 21.56 10.02 9.09
C CYS B 318 22.77 10.25 9.97
N SER B 319 22.65 11.17 10.92
CA SER B 319 23.75 11.46 11.82
C SER B 319 23.99 10.32 12.81
N SER B 320 22.99 9.42 12.95
CA SER B 320 23.04 8.33 13.93
C SER B 320 23.45 6.94 13.43
N ILE B 321 23.55 6.76 12.12
CA ILE B 321 23.85 5.45 11.53
C ILE B 321 25.19 5.46 10.79
N PRO B 322 25.93 4.34 10.82
CA PRO B 322 27.24 4.28 10.18
C PRO B 322 27.17 4.11 8.67
N ASN B 323 26.01 3.70 8.16
CA ASN B 323 25.84 3.47 6.73
C ASN B 323 24.90 4.47 6.03
N SER B 324 24.87 5.71 6.49
CA SER B 324 24.16 6.76 5.78
C SER B 324 24.87 7.11 4.49
N GLU B 325 24.06 7.41 3.49
CA GLU B 325 24.51 8.10 2.30
C GLU B 325 24.06 9.54 2.41
N LYS B 326 24.39 10.34 1.41
CA LYS B 326 23.97 11.75 1.39
C LYS B 326 22.46 11.89 1.53
N ALA B 327 22.06 12.87 2.34
CA ALA B 327 20.66 13.10 2.68
C ALA B 327 20.06 14.07 1.68
N GLU B 328 18.80 13.84 1.31
CA GLU B 328 18.16 14.55 0.19
C GLU B 328 17.55 15.88 0.64
N ILE B 329 17.91 16.94 -0.08
CA ILE B 329 17.35 18.30 0.12
C ILE B 329 16.71 18.80 -1.18
N PHE B 330 15.55 19.45 -1.07
CA PHE B 330 14.95 20.17 -2.16
C PHE B 330 15.18 21.66 -1.89
N PRO B 331 16.21 22.24 -2.52
CA PRO B 331 16.48 23.66 -2.21
C PRO B 331 15.29 24.57 -2.45
N ASP B 332 14.47 24.24 -3.45
CA ASP B 332 13.30 25.07 -3.80
C ASP B 332 12.19 24.98 -2.76
N TYR B 333 12.38 24.14 -1.73
CA TYR B 333 11.38 23.98 -0.64
C TYR B 333 11.83 24.63 0.65
N ILE B 334 13.07 25.12 0.64
CA ILE B 334 13.65 25.69 1.85
C ILE B 334 12.94 27.01 2.20
N ASN B 335 12.76 27.90 1.23
CA ASN B 335 12.22 29.21 1.59
C ASN B 335 10.79 29.13 2.04
N PHE B 336 10.02 28.26 1.40
CA PHE B 336 8.67 28.06 1.83
C PHE B 336 8.62 27.52 3.27
N SER B 337 9.48 26.54 3.59
CA SER B 337 9.49 25.95 4.96
C SER B 337 9.89 26.98 6.02
N LYS B 338 10.84 27.83 5.64
CA LYS B 338 11.27 28.98 6.45
C LYS B 338 10.17 29.98 6.80
N LYS B 339 9.09 30.00 6.02
CA LYS B 339 7.98 30.93 6.29
C LYS B 339 7.39 30.68 7.65
N PHE B 340 7.26 29.39 8.00
CA PHE B 340 6.58 29.00 9.23
C PHE B 340 7.50 28.30 10.22
N CYS B 341 8.70 27.92 9.80
CA CYS B 341 9.63 27.19 10.69
C CYS B 341 10.99 27.84 10.78
N GLU B 342 11.47 28.08 12.01
CA GLU B 342 12.85 28.52 12.21
C GLU B 342 13.66 27.21 12.16
N LEU B 343 14.22 26.92 10.99
CA LEU B 343 14.74 25.55 10.69
C LEU B 343 15.80 25.07 11.67
N PRO B 344 15.70 23.79 12.12
CA PRO B 344 16.62 23.27 13.13
C PRO B 344 17.94 22.78 12.54
N PHE B 345 18.32 23.33 11.38
CA PHE B 345 19.59 22.98 10.76
C PHE B 345 20.05 24.12 9.86
N ASP B 346 21.34 24.15 9.56
CA ASP B 346 21.77 25.06 8.50
C ASP B 346 22.70 24.35 7.55
N ILE B 347 22.65 24.77 6.29
CA ILE B 347 23.42 24.13 5.24
C ILE B 347 24.67 24.97 5.01
N ILE B 348 25.84 24.40 5.26
CA ILE B 348 27.11 25.01 4.85
C ILE B 348 27.81 24.09 3.85
N ASP B 349 27.87 24.55 2.61
CA ASP B 349 28.41 23.79 1.48
C ASP B 349 27.71 22.43 1.42
N ASN B 350 28.46 21.36 1.64
CA ASN B 350 27.95 19.99 1.42
C ASN B 350 27.38 19.31 2.65
N LYS B 351 27.27 20.03 3.77
CA LYS B 351 26.79 19.42 5.01
C LYS B 351 25.73 20.25 5.72
N ALA B 352 24.77 19.55 6.33
CA ALA B 352 23.81 20.18 7.25
C ALA B 352 24.27 20.02 8.68
N HIS B 353 24.29 21.10 9.44
CA HIS B 353 24.62 21.06 10.87
C HIS B 353 23.29 21.10 11.60
N ILE B 354 23.04 20.13 12.47
CA ILE B 354 21.71 19.97 13.06
C ILE B 354 21.62 20.39 14.54
N ASN B 355 20.39 20.50 15.06
CA ASN B 355 20.13 20.97 16.43
C ASN B 355 20.69 20.04 17.49
N LYS B 356 21.25 20.64 18.56
CA LYS B 356 21.59 19.90 19.76
C LYS B 356 20.50 20.07 20.84
N SER B 357 19.45 20.81 20.49
CA SER B 357 18.29 20.99 21.38
C SER B 357 17.39 19.77 21.29
N ALA B 358 16.44 19.68 22.22
CA ALA B 358 15.68 18.44 22.41
C ALA B 358 14.80 18.01 21.23
N GLY B 359 14.75 16.71 21.02
CA GLY B 359 13.91 16.12 19.98
C GLY B 359 14.37 16.57 18.61
N LEU B 360 13.40 17.00 17.81
CA LEU B 360 13.65 17.44 16.43
C LEU B 360 14.03 18.93 16.33
N GLY B 361 13.96 19.64 17.45
CA GLY B 361 14.32 21.05 17.48
C GLY B 361 13.35 21.92 16.72
N ILE B 362 12.09 21.49 16.64
CA ILE B 362 11.11 22.18 15.80
C ILE B 362 10.49 23.41 16.47
N VAL B 363 10.53 24.55 15.79
CA VAL B 363 9.95 25.77 16.27
C VAL B 363 9.10 26.28 15.14
N ILE B 364 7.79 26.12 15.28
CA ILE B 364 6.89 26.48 14.22
C ILE B 364 5.95 27.57 14.70
N HIS B 365 5.73 28.55 13.82
CA HIS B 365 4.74 29.61 14.02
C HIS B 365 3.44 29.11 13.47
N GLU B 366 2.59 28.64 14.37
CA GLU B 366 1.37 27.93 14.00
C GLU B 366 0.38 28.82 13.25
N ASP B 367 0.32 30.09 13.64
CA ASP B 367 -0.52 31.08 12.95
C ASP B 367 -0.17 31.16 11.45
N ILE B 368 1.11 31.10 11.13
CA ILE B 368 1.58 31.17 9.74
C ILE B 368 1.30 29.84 9.02
N LEU B 369 1.57 28.74 9.71
CA LEU B 369 1.26 27.43 9.15
C LEU B 369 -0.23 27.33 8.81
N SER B 370 -1.09 27.82 9.70
CA SER B 370 -2.53 27.81 9.43
C SER B 370 -2.90 28.71 8.23
N GLU B 371 -2.30 29.89 8.15
CA GLU B 371 -2.51 30.76 6.98
C GLU B 371 -2.17 30.08 5.63
N LEU B 372 -1.18 29.20 5.66
CA LEU B 372 -0.69 28.54 4.46
C LEU B 372 -1.43 27.22 4.18
N SER B 373 -2.37 26.85 5.05
CA SER B 373 -3.04 25.56 4.93
C SER B 373 -4.43 25.56 4.29
N ILE B 374 -4.77 24.48 3.61
CA ILE B 374 -6.04 24.36 2.89
C ILE B 374 -7.02 23.47 3.67
N TYR B 375 -6.47 22.66 4.57
CA TYR B 375 -7.25 21.74 5.36
C TYR B 375 -6.57 21.71 6.69
N SER B 376 -7.35 21.57 7.75
CA SER B 376 -6.80 21.36 9.08
C SER B 376 -7.70 20.53 9.97
N LEU B 377 -7.10 20.05 11.06
CA LEU B 377 -7.77 19.40 12.17
C LEU B 377 -7.18 19.82 13.50
N ASP B 378 -8.02 20.04 14.52
CA ASP B 378 -7.58 20.13 15.89
C ASP B 378 -8.61 19.33 16.66
N GLU B 379 -8.11 18.45 17.52
CA GLU B 379 -8.96 17.50 18.21
C GLU B 379 -8.35 17.15 19.57
N LYS B 380 -9.09 17.44 20.66
CA LYS B 380 -8.80 16.86 21.97
C LYS B 380 -9.18 15.38 21.97
#